data_3OP1
#
_entry.id   3OP1
#
_cell.length_a   180.153
_cell.length_b   73.247
_cell.length_c   87.518
_cell.angle_alpha   90.00
_cell.angle_beta   112.48
_cell.angle_gamma   90.00
#
_symmetry.space_group_name_H-M   'C 1 2 1'
#
loop_
_entity.id
_entity.type
_entity.pdbx_description
1 polymer 'Macrolide-efflux protein'
2 non-polymer 'SULFATE ION'
3 non-polymer GLYCEROL
4 non-polymer DI(HYDROXYETHYL)ETHER
5 non-polymer 'ACETIC ACID'
6 non-polymer 'CHLORIDE ION'
7 water water
#
_entity_poly.entity_id   1
_entity_poly.type   'polypeptide(L)'
_entity_poly.pdbx_seq_one_letter_code
;SNA(MSE)IITIPIKNQKDIGTPSDSVVVLGYFDGIHKGHQELFRVANKAARKDLLPIVV(MSE)TFNESPKIALEPYHP
DLFLHILNPAERERKLKREGVEELYLLDFSSQFASLTAQEFFATYIKA(MSE)NAKIIVAGFDYTFGSDKKTAEDLKNYF
DGEVIIVPPVEDEKGKISSTRIRQAILDGNVKEAGKLLGAPLPSRG(MSE)VVHGNARGRTIGYPTANLVLLDRTY
(MSE)PADGVYVVDVEIQRQKYRA(MSE)ASVGKNVTFDGEEARFEVNIFDFNQDIYGETV(MSE)VYWLDRIRD(MSE)
TKFDSVDQLVDQLKADEEVTRNWS
;
_entity_poly.pdbx_strand_id   A,B,C
#
# COMPACT_ATOMS: atom_id res chain seq x y z
N ILE A 5 1.89 10.47 15.00
CA ILE A 5 1.89 9.34 15.93
C ILE A 5 3.27 8.65 16.03
N ILE A 6 3.64 8.28 17.25
CA ILE A 6 4.80 7.41 17.46
C ILE A 6 4.33 6.00 17.88
N THR A 7 4.48 5.01 17.01
CA THR A 7 4.46 3.61 17.44
C THR A 7 5.77 3.30 18.20
N ILE A 8 5.67 2.56 19.29
CA ILE A 8 6.84 2.35 20.14
C ILE A 8 6.90 0.91 20.63
N PRO A 9 7.77 0.10 20.03
CA PRO A 9 7.91 -1.29 20.45
C PRO A 9 8.46 -1.42 21.84
N ILE A 10 7.78 -2.11 22.74
CA ILE A 10 8.26 -2.27 24.11
C ILE A 10 8.36 -3.70 24.61
N LYS A 11 9.50 -4.05 25.19
CA LYS A 11 9.68 -5.31 25.89
C LYS A 11 8.85 -5.39 27.17
N ASN A 12 8.75 -4.26 27.88
CA ASN A 12 8.02 -4.17 29.14
C ASN A 12 7.67 -2.72 29.49
N GLN A 13 7.03 -2.50 30.63
CA GLN A 13 6.61 -1.16 31.02
C GLN A 13 7.77 -0.20 31.16
N LYS A 14 8.94 -0.72 31.48
CA LYS A 14 10.13 0.11 31.66
C LYS A 14 10.45 0.86 30.38
N ASP A 15 10.17 0.24 29.25
CA ASP A 15 10.38 0.84 27.95
C ASP A 15 9.49 2.06 27.67
N ILE A 16 8.32 2.10 28.29
CA ILE A 16 7.41 3.20 28.06
C ILE A 16 7.97 4.54 28.52
N GLY A 17 7.90 5.53 27.64
CA GLY A 17 8.45 6.85 27.87
C GLY A 17 7.54 8.05 27.97
N THR A 18 6.24 7.86 28.15
CA THR A 18 5.36 9.00 28.06
C THR A 18 5.76 10.07 29.05
N PRO A 19 5.98 11.27 28.50
CA PRO A 19 6.42 12.46 29.22
C PRO A 19 5.42 13.06 30.18
N SER A 20 4.16 13.08 29.78
CA SER A 20 3.14 13.85 30.48
C SER A 20 1.90 13.05 30.78
N ASP A 21 1.06 13.60 31.64
CA ASP A 21 -0.19 12.94 31.94
C ASP A 21 -0.90 12.63 30.63
N SER A 22 -1.68 11.55 30.60
CA SER A 22 -2.31 11.12 29.35
C SER A 22 -3.70 10.62 29.62
N VAL A 23 -4.45 10.35 28.57
CA VAL A 23 -5.59 9.47 28.78
C VAL A 23 -5.37 8.17 28.03
N VAL A 24 -5.46 7.06 28.76
CA VAL A 24 -5.31 5.77 28.10
C VAL A 24 -6.62 5.07 27.72
N VAL A 25 -6.61 4.53 26.51
CA VAL A 25 -7.72 3.74 26.03
C VAL A 25 -7.32 2.25 26.13
N LEU A 26 -8.13 1.47 26.85
CA LEU A 26 -7.84 0.05 27.03
C LEU A 26 -8.59 -0.84 26.01
N GLY A 27 -7.88 -1.81 25.45
CA GLY A 27 -8.52 -2.84 24.64
C GLY A 27 -7.58 -3.69 23.79
N TYR A 28 -8.23 -4.50 22.96
N TYR A 28 -8.11 -4.70 23.11
CA TYR A 28 -7.58 -5.40 22.03
CA TYR A 28 -7.29 -5.29 22.09
C TYR A 28 -7.96 -4.79 20.69
C TYR A 28 -7.85 -4.52 20.94
N PHE A 29 -7.00 -4.21 19.96
CA PHE A 29 -7.45 -3.34 18.88
C PHE A 29 -7.18 -3.90 17.51
N ASP A 30 -7.90 -4.94 17.16
CA ASP A 30 -7.72 -5.52 15.86
C ASP A 30 -8.74 -4.93 14.92
N GLY A 31 -8.23 -4.19 13.95
CA GLY A 31 -9.04 -3.60 12.92
C GLY A 31 -9.59 -2.23 13.21
N ILE A 32 -9.53 -1.79 14.45
CA ILE A 32 -9.96 -0.44 14.77
C ILE A 32 -11.33 -0.13 14.18
N HIS A 33 -12.32 -0.92 14.58
CA HIS A 33 -13.66 -0.83 14.05
C HIS A 33 -14.50 0.27 14.72
N LYS A 34 -15.78 0.31 14.38
CA LYS A 34 -16.68 1.36 14.81
C LYS A 34 -16.72 1.39 16.32
N GLY A 35 -16.65 0.23 16.93
CA GLY A 35 -16.70 0.13 18.38
C GLY A 35 -15.51 0.81 19.03
N HIS A 36 -14.34 0.51 18.50
CA HIS A 36 -13.13 1.12 18.96
C HIS A 36 -13.15 2.60 18.73
N GLN A 37 -13.70 3.03 17.59
CA GLN A 37 -13.67 4.44 17.28
C GLN A 37 -14.48 5.22 18.28
N GLU A 38 -15.52 4.60 18.78
CA GLU A 38 -16.35 5.27 19.74
C GLU A 38 -15.54 5.50 21.01
N LEU A 39 -14.75 4.51 21.41
CA LEU A 39 -13.84 4.66 22.55
C LEU A 39 -12.97 5.89 22.31
N PHE A 40 -12.38 6.01 21.12
CA PHE A 40 -11.57 7.20 20.83
C PHE A 40 -12.33 8.53 20.77
N ARG A 41 -13.53 8.54 20.21
CA ARG A 41 -14.35 9.74 20.29
C ARG A 41 -14.56 10.17 21.73
N VAL A 42 -14.75 9.23 22.63
CA VAL A 42 -14.99 9.58 24.03
C VAL A 42 -13.70 10.04 24.68
N ALA A 43 -12.60 9.38 24.34
CA ALA A 43 -11.28 9.77 24.87
C ALA A 43 -10.85 11.17 24.43
N ASN A 44 -11.11 11.54 23.17
CA ASN A 44 -10.78 12.87 22.68
C ASN A 44 -11.61 13.91 23.42
N LYS A 45 -12.82 13.56 23.83
CA LYS A 45 -13.67 14.49 24.55
C LYS A 45 -13.15 14.69 25.98
N ALA A 46 -12.40 13.73 26.48
CA ALA A 46 -11.99 13.77 27.86
C ALA A 46 -10.64 14.42 27.95
N ALA A 47 -9.86 14.30 26.87
CA ALA A 47 -8.55 14.94 26.76
C ALA A 47 -8.62 16.41 26.41
N ARG A 48 -9.83 16.94 26.26
CA ARG A 48 -10.01 18.36 25.98
C ARG A 48 -9.70 19.35 27.11
N LYS A 49 -10.24 19.08 28.30
CA LYS A 49 -10.06 19.98 29.45
C LYS A 49 -8.59 20.32 29.72
N ASP A 50 -7.74 19.30 29.79
CA ASP A 50 -6.34 19.51 30.11
C ASP A 50 -5.38 19.27 28.92
N LEU A 51 -5.90 19.11 27.71
CA LEU A 51 -5.02 18.87 26.56
C LEU A 51 -4.11 17.65 26.70
N LEU A 52 -4.61 16.64 27.42
CA LEU A 52 -3.90 15.37 27.60
C LEU A 52 -3.76 14.61 26.30
N PRO A 53 -2.58 14.12 26.01
CA PRO A 53 -2.47 13.33 24.80
C PRO A 53 -3.09 11.93 25.06
N ILE A 54 -3.37 11.19 23.99
CA ILE A 54 -3.99 9.87 24.08
C ILE A 54 -3.00 8.74 23.81
N VAL A 55 -2.92 7.77 24.71
CA VAL A 55 -1.96 6.71 24.51
C VAL A 55 -2.58 5.37 24.68
N VAL A 56 -1.96 4.42 24.01
CA VAL A 56 -2.52 3.12 23.84
C VAL A 56 -1.40 2.10 23.80
N THR A 58 -1.19 -2.18 22.88
CA THR A 58 -1.88 -3.34 22.37
C THR A 58 -0.77 -4.26 21.91
N PHE A 59 -1.11 -5.38 21.22
CA PHE A 59 -0.15 -6.46 21.10
C PHE A 59 0.30 -6.81 19.68
N ASN A 60 1.51 -7.31 19.56
CA ASN A 60 1.97 -7.70 18.24
C ASN A 60 1.14 -8.85 17.63
N GLU A 61 0.71 -9.78 18.50
CA GLU A 61 0.03 -10.97 18.04
C GLU A 61 -1.11 -11.30 18.98
N SER A 62 -2.10 -12.03 18.50
CA SER A 62 -3.26 -12.42 19.31
C SER A 62 -2.86 -12.99 20.68
N PRO A 63 -3.60 -12.65 21.72
CA PRO A 63 -3.23 -13.27 23.00
C PRO A 63 -3.38 -14.81 23.01
N LYS A 64 -4.13 -15.37 22.07
CA LYS A 64 -4.38 -16.79 22.08
C LYS A 64 -3.09 -17.60 21.92
N ILE A 65 -2.08 -17.00 21.29
CA ILE A 65 -0.84 -17.71 21.02
C ILE A 65 -0.15 -18.18 22.31
N ALA A 66 -0.42 -17.45 23.38
CA ALA A 66 0.25 -17.67 24.66
C ALA A 66 -0.65 -18.54 25.49
N LEU A 67 -1.91 -18.58 25.12
CA LEU A 67 -2.91 -19.22 25.98
C LEU A 67 -3.42 -20.56 25.47
N GLU A 68 -3.18 -20.81 24.19
CA GLU A 68 -3.88 -21.84 23.45
C GLU A 68 -2.95 -22.65 22.56
N PRO A 69 -3.30 -23.89 22.32
CA PRO A 69 -2.56 -24.73 21.40
C PRO A 69 -2.29 -23.96 20.13
N TYR A 70 -1.13 -24.20 19.56
CA TYR A 70 -0.72 -23.48 18.38
C TYR A 70 -1.56 -23.83 17.15
N HIS A 71 -1.99 -22.79 16.44
CA HIS A 71 -2.50 -22.97 15.10
C HIS A 71 -2.19 -21.71 14.24
N PRO A 72 -1.70 -21.93 13.01
CA PRO A 72 -1.31 -20.86 12.09
C PRO A 72 -2.33 -19.73 11.99
N ASP A 73 -3.59 -20.06 12.04
CA ASP A 73 -4.59 -18.99 11.96
C ASP A 73 -4.48 -18.02 13.12
N LEU A 74 -3.84 -18.45 14.21
CA LEU A 74 -3.67 -17.58 15.38
C LEU A 74 -2.82 -16.35 15.00
N PHE A 75 -2.04 -16.48 13.92
CA PHE A 75 -1.25 -15.38 13.38
C PHE A 75 -1.97 -14.47 12.40
N LEU A 76 -3.29 -14.59 12.26
CA LEU A 76 -3.90 -13.80 11.22
C LEU A 76 -4.45 -12.52 11.80
N HIS A 77 -4.19 -11.41 11.12
CA HIS A 77 -4.66 -10.11 11.55
C HIS A 77 -5.67 -9.58 10.57
N ILE A 78 -6.66 -8.83 11.05
CA ILE A 78 -7.58 -8.14 10.15
C ILE A 78 -6.83 -7.10 9.28
N LEU A 79 -5.97 -6.31 9.92
CA LEU A 79 -5.22 -5.20 9.31
C LEU A 79 -3.72 -5.40 9.47
N ASN A 80 -2.92 -5.00 8.49
CA ASN A 80 -1.47 -5.02 8.75
C ASN A 80 -1.04 -3.90 9.74
N PRO A 81 0.17 -4.02 10.30
CA PRO A 81 0.57 -3.04 11.31
C PRO A 81 0.52 -1.57 10.85
N ALA A 82 1.02 -1.28 9.65
CA ALA A 82 0.93 0.06 9.10
C ALA A 82 -0.51 0.56 8.96
N GLU A 83 -1.45 -0.33 8.59
CA GLU A 83 -2.83 0.10 8.45
C GLU A 83 -3.47 0.31 9.82
N ARG A 84 -3.10 -0.55 10.76
CA ARG A 84 -3.54 -0.39 12.14
C ARG A 84 -3.11 0.97 12.71
N GLU A 85 -1.83 1.28 12.55
CA GLU A 85 -1.27 2.56 13.03
C GLU A 85 -1.93 3.75 12.37
N ARG A 86 -2.15 3.67 11.04
CA ARG A 86 -2.81 4.72 10.28
C ARG A 86 -4.18 5.05 10.82
N LYS A 87 -4.95 3.99 11.12
CA LYS A 87 -6.31 4.14 11.62
C LYS A 87 -6.33 4.69 13.06
N LEU A 88 -5.42 4.23 13.91
CA LEU A 88 -5.32 4.80 15.27
C LEU A 88 -4.81 6.24 15.25
N LYS A 89 -3.91 6.55 14.34
CA LYS A 89 -3.48 7.92 14.14
C LYS A 89 -4.72 8.77 13.81
N ARG A 90 -5.51 8.37 12.81
CA ARG A 90 -6.78 9.06 12.56
C ARG A 90 -7.69 9.19 13.79
N GLU A 91 -7.68 8.23 14.69
CA GLU A 91 -8.52 8.32 15.90
C GLU A 91 -8.00 9.34 16.90
N GLY A 92 -6.74 9.75 16.75
CA GLY A 92 -6.23 10.79 17.60
C GLY A 92 -5.16 10.31 18.56
N VAL A 93 -4.81 9.03 18.50
CA VAL A 93 -3.72 8.47 19.29
C VAL A 93 -2.34 9.11 19.00
N GLU A 94 -1.58 9.40 20.06
CA GLU A 94 -0.27 10.04 19.91
C GLU A 94 0.92 9.13 20.26
N GLU A 95 0.69 8.20 21.16
CA GLU A 95 1.68 7.18 21.45
C GLU A 95 1.02 5.82 21.43
N LEU A 96 1.62 4.94 20.67
CA LEU A 96 1.16 3.59 20.58
C LEU A 96 2.27 2.64 21.01
N TYR A 97 2.13 1.99 22.15
CA TYR A 97 3.14 1.04 22.58
C TYR A 97 2.73 -0.36 22.17
N LEU A 98 3.66 -1.09 21.56
CA LEU A 98 3.37 -2.43 21.10
C LEU A 98 4.14 -3.46 21.87
N LEU A 99 3.42 -4.36 22.51
CA LEU A 99 4.03 -5.36 23.36
C LEU A 99 3.58 -6.74 23.00
N ASP A 100 4.46 -7.73 23.13
CA ASP A 100 4.08 -9.12 22.93
C ASP A 100 3.29 -9.56 24.12
N PHE A 101 2.15 -10.21 23.88
CA PHE A 101 1.39 -10.76 24.97
C PHE A 101 2.12 -12.04 25.32
N SER A 102 2.52 -12.16 26.57
CA SER A 102 3.37 -13.25 27.01
C SER A 102 2.84 -13.87 28.27
N SER A 103 3.45 -14.97 28.66
CA SER A 103 3.02 -15.67 29.86
C SER A 103 3.18 -14.75 31.07
N GLN A 104 4.29 -14.04 31.15
CA GLN A 104 4.44 -13.10 32.24
C GLN A 104 3.39 -12.00 32.22
N PHE A 105 3.18 -11.39 31.07
CA PHE A 105 2.17 -10.33 31.01
C PHE A 105 0.77 -10.87 31.36
N ALA A 106 0.51 -12.10 30.93
CA ALA A 106 -0.78 -12.74 31.12
C ALA A 106 -1.03 -13.07 32.59
N SER A 107 0.04 -13.35 33.33
CA SER A 107 -0.13 -13.67 34.73
C SER A 107 -0.34 -12.44 35.62
N LEU A 108 -0.23 -11.24 35.07
CA LEU A 108 -0.44 -10.04 35.87
C LEU A 108 -1.88 -9.91 36.29
N THR A 109 -2.09 -9.71 37.59
CA THR A 109 -3.43 -9.47 38.09
C THR A 109 -3.86 -8.06 37.74
N ALA A 110 -5.11 -7.76 38.00
CA ALA A 110 -5.59 -6.42 37.72
C ALA A 110 -4.68 -5.42 38.45
N GLN A 111 -4.28 -5.76 39.67
CA GLN A 111 -3.51 -4.83 40.45
C GLN A 111 -2.09 -4.64 39.91
N GLU A 112 -1.37 -5.72 39.64
CA GLU A 112 -0.06 -5.58 39.01
C GLU A 112 -0.17 -4.76 37.70
N PHE A 113 -1.24 -4.96 36.96
CA PHE A 113 -1.35 -4.29 35.68
C PHE A 113 -1.35 -2.75 35.83
N PHE A 114 -2.09 -2.26 36.81
CA PHE A 114 -2.11 -0.82 37.05
C PHE A 114 -0.80 -0.34 37.63
N ALA A 115 -0.29 -1.12 38.57
CA ALA A 115 0.93 -0.79 39.25
C ALA A 115 2.05 -0.72 38.24
N THR A 116 1.78 -1.20 37.03
CA THR A 116 2.83 -1.38 36.05
C THR A 116 2.65 -0.58 34.78
N TYR A 117 1.71 -1.00 33.95
CA TYR A 117 1.59 -0.42 32.64
C TYR A 117 0.84 0.89 32.77
N ILE A 118 -0.20 0.92 33.59
CA ILE A 118 -0.93 2.17 33.75
C ILE A 118 -0.06 3.31 34.28
N LYS A 119 0.68 3.02 35.35
CA LYS A 119 1.56 4.03 35.91
C LYS A 119 2.55 4.48 34.86
N ALA A 120 3.21 3.52 34.23
CA ALA A 120 4.29 3.91 33.34
C ALA A 120 3.70 4.83 32.28
N ASN A 122 1.24 7.04 32.70
CA ASN A 122 0.75 8.28 33.34
C ASN A 122 -0.71 8.52 33.13
N ALA A 123 -1.51 7.46 33.15
CA ALA A 123 -2.93 7.63 32.89
C ALA A 123 -3.46 8.62 33.92
N LYS A 124 -4.20 9.59 33.44
CA LYS A 124 -4.89 10.53 34.31
C LYS A 124 -6.37 10.20 34.16
N ILE A 125 -6.75 9.78 32.95
CA ILE A 125 -8.10 9.30 32.67
C ILE A 125 -8.10 8.05 31.81
N ILE A 126 -8.83 7.05 32.23
CA ILE A 126 -8.92 5.78 31.51
C ILE A 126 -10.25 5.59 30.79
N VAL A 127 -10.19 5.29 29.49
CA VAL A 127 -11.38 4.93 28.75
C VAL A 127 -11.39 3.43 28.43
N ALA A 128 -12.50 2.76 28.70
CA ALA A 128 -12.61 1.35 28.28
C ALA A 128 -14.04 0.90 27.88
N GLY A 129 -14.12 -0.17 27.09
CA GLY A 129 -15.40 -0.67 26.63
C GLY A 129 -16.15 -1.41 27.73
N PHE A 130 -17.46 -1.45 27.58
CA PHE A 130 -18.32 -2.22 28.44
C PHE A 130 -17.88 -3.69 28.60
N ASP A 131 -17.43 -4.31 27.53
CA ASP A 131 -17.02 -5.71 27.56
C ASP A 131 -15.65 -5.92 28.21
N TYR A 132 -14.95 -4.85 28.55
CA TYR A 132 -13.53 -4.97 28.96
C TYR A 132 -13.20 -5.92 30.13
N THR A 133 -12.11 -6.67 29.93
CA THR A 133 -11.67 -7.75 30.80
C THR A 133 -10.17 -7.69 30.93
N PHE A 134 -9.68 -7.82 32.16
CA PHE A 134 -8.27 -7.61 32.41
C PHE A 134 -7.75 -8.35 33.66
N GLY A 135 -6.46 -8.63 33.67
CA GLY A 135 -5.80 -9.33 34.77
C GLY A 135 -6.05 -10.83 34.76
N SER A 136 -5.08 -11.60 35.25
CA SER A 136 -5.32 -13.02 35.47
C SER A 136 -6.46 -13.15 36.49
N ASP A 137 -6.57 -12.16 37.36
CA ASP A 137 -7.72 -11.88 38.21
C ASP A 137 -9.07 -11.92 37.43
N LYS A 138 -9.00 -11.72 36.12
CA LYS A 138 -10.18 -11.60 35.28
C LYS A 138 -11.27 -10.65 35.81
N LYS A 139 -10.93 -9.38 35.95
CA LYS A 139 -11.89 -8.42 36.48
C LYS A 139 -12.64 -7.78 35.33
N THR A 140 -13.73 -7.09 35.64
CA THR A 140 -14.56 -6.42 34.65
C THR A 140 -14.24 -4.93 34.54
N ALA A 141 -15.01 -4.28 33.67
CA ALA A 141 -14.93 -2.84 33.51
C ALA A 141 -15.35 -2.11 34.78
N GLU A 142 -16.30 -2.67 35.51
CA GLU A 142 -16.70 -2.00 36.74
C GLU A 142 -15.57 -1.94 37.74
N ASP A 143 -14.88 -3.05 37.93
CA ASP A 143 -13.77 -3.11 38.88
C ASP A 143 -12.68 -2.13 38.57
N LEU A 144 -12.76 -1.49 37.41
CA LEU A 144 -11.77 -0.49 37.08
C LEU A 144 -11.71 0.61 38.14
N LYS A 145 -12.86 1.18 38.49
CA LYS A 145 -12.89 2.29 39.43
C LYS A 145 -12.03 1.97 40.65
N ASN A 146 -12.07 0.71 41.07
CA ASN A 146 -11.42 0.25 42.30
C ASN A 146 -9.91 0.21 42.23
N TYR A 147 -9.38 0.23 41.01
CA TYR A 147 -7.94 0.12 40.84
C TYR A 147 -7.27 1.46 40.45
N PHE A 148 -8.08 2.43 40.05
CA PHE A 148 -7.58 3.70 39.53
C PHE A 148 -8.00 4.91 40.36
N ASP A 149 -7.03 5.71 40.74
CA ASP A 149 -7.27 6.96 41.47
C ASP A 149 -8.04 7.95 40.60
N GLY A 150 -7.64 7.99 39.34
CA GLY A 150 -8.17 8.88 38.33
C GLY A 150 -9.51 8.47 37.77
N GLU A 151 -10.05 9.30 36.88
CA GLU A 151 -11.35 9.05 36.31
C GLU A 151 -11.40 7.89 35.34
N VAL A 152 -12.47 7.11 35.43
CA VAL A 152 -12.68 6.01 34.55
C VAL A 152 -14.00 6.14 33.80
N ILE A 153 -13.94 6.11 32.48
CA ILE A 153 -15.15 6.19 31.66
C ILE A 153 -15.37 4.88 30.93
N ILE A 154 -16.55 4.30 31.11
CA ILE A 154 -16.88 3.05 30.45
C ILE A 154 -17.89 3.30 29.36
N VAL A 155 -17.51 2.99 28.14
CA VAL A 155 -18.34 3.23 26.98
C VAL A 155 -19.26 2.05 26.67
N PRO A 156 -20.52 2.35 26.46
CA PRO A 156 -21.51 1.32 26.15
C PRO A 156 -21.17 0.64 24.84
N PRO A 157 -21.62 -0.60 24.67
CA PRO A 157 -21.34 -1.36 23.46
C PRO A 157 -21.97 -0.75 22.22
N VAL A 158 -21.28 -0.85 21.10
CA VAL A 158 -21.77 -0.34 19.85
C VAL A 158 -22.41 -1.51 19.12
N GLU A 159 -23.67 -1.36 18.78
CA GLU A 159 -24.42 -2.43 18.15
C GLU A 159 -25.20 -1.91 16.97
N ASP A 160 -25.45 -2.81 16.03
CA ASP A 160 -26.25 -2.50 14.86
C ASP A 160 -27.46 -3.42 14.90
N GLU A 161 -28.17 -3.51 13.78
CA GLU A 161 -29.36 -4.35 13.73
C GLU A 161 -29.00 -5.80 14.03
N LYS A 162 -27.87 -6.26 13.50
CA LYS A 162 -27.36 -7.59 13.79
C LYS A 162 -26.86 -7.84 15.21
N GLY A 163 -26.19 -6.87 15.81
CA GLY A 163 -25.63 -7.05 17.13
C GLY A 163 -24.45 -6.14 17.44
N LYS A 164 -23.65 -6.53 18.43
CA LYS A 164 -22.45 -5.78 18.76
C LYS A 164 -21.45 -5.88 17.63
N ILE A 165 -20.76 -4.78 17.38
CA ILE A 165 -19.73 -4.71 16.38
C ILE A 165 -18.45 -5.16 17.04
N SER A 166 -17.92 -6.27 16.53
CA SER A 166 -16.75 -6.90 17.14
C SER A 166 -15.79 -7.40 16.06
N SER A 167 -14.57 -7.66 16.46
CA SER A 167 -13.53 -8.18 15.57
C SER A 167 -13.94 -9.56 15.09
N THR A 168 -14.55 -10.31 15.99
CA THR A 168 -14.97 -11.67 15.68
C THR A 168 -15.97 -11.66 14.51
N ARG A 169 -16.96 -10.76 14.59
CA ARG A 169 -17.84 -10.54 13.43
C ARG A 169 -17.08 -10.13 12.14
N ILE A 170 -16.01 -9.33 12.26
CA ILE A 170 -15.30 -8.85 11.09
C ILE A 170 -14.58 -10.02 10.46
N ARG A 171 -13.84 -10.81 11.26
CA ARG A 171 -13.18 -12.00 10.72
C ARG A 171 -14.15 -12.87 9.96
N GLN A 172 -15.29 -13.13 10.60
CA GLN A 172 -16.29 -14.03 10.04
C GLN A 172 -16.85 -13.46 8.71
N ALA A 173 -17.18 -12.16 8.68
CA ALA A 173 -17.72 -11.53 7.47
C ALA A 173 -16.73 -11.67 6.32
N ILE A 174 -15.46 -11.48 6.64
CA ILE A 174 -14.44 -11.60 5.62
C ILE A 174 -14.38 -13.03 5.13
N LEU A 175 -14.34 -13.96 6.06
CA LEU A 175 -14.27 -15.38 5.72
C LEU A 175 -15.49 -15.82 4.91
N ASP A 176 -16.65 -15.27 5.24
CA ASP A 176 -17.87 -15.53 4.51
C ASP A 176 -17.88 -14.89 3.15
N GLY A 177 -16.97 -13.95 2.93
CA GLY A 177 -16.93 -13.18 1.70
C GLY A 177 -17.74 -11.91 1.73
N ASN A 178 -18.26 -11.54 2.88
CA ASN A 178 -19.02 -10.31 3.03
C ASN A 178 -18.14 -9.10 3.28
N VAL A 179 -17.38 -8.70 2.28
CA VAL A 179 -16.45 -7.60 2.42
C VAL A 179 -17.13 -6.28 2.70
N LYS A 180 -18.28 -6.04 2.09
CA LYS A 180 -19.01 -4.81 2.31
C LYS A 180 -19.45 -4.68 3.76
N GLU A 181 -19.92 -5.77 4.33
CA GLU A 181 -20.29 -5.81 5.73
C GLU A 181 -19.08 -5.58 6.64
N ALA A 182 -17.97 -6.23 6.32
CA ALA A 182 -16.74 -6.05 7.07
C ALA A 182 -16.38 -4.57 7.01
N GLY A 183 -16.61 -3.95 5.86
CA GLY A 183 -16.18 -2.59 5.66
C GLY A 183 -17.12 -1.61 6.37
N LYS A 184 -18.40 -1.97 6.45
CA LYS A 184 -19.31 -1.09 7.16
C LYS A 184 -18.91 -1.11 8.64
N LEU A 185 -18.63 -2.29 9.15
CA LEU A 185 -18.23 -2.49 10.53
C LEU A 185 -16.89 -1.85 10.86
N LEU A 186 -15.94 -2.01 9.94
CA LEU A 186 -14.62 -1.43 10.06
C LEU A 186 -14.69 0.08 10.03
N GLY A 187 -15.63 0.61 9.25
CA GLY A 187 -15.79 2.03 9.08
C GLY A 187 -14.99 2.53 7.90
N ALA A 188 -14.29 1.60 7.27
CA ALA A 188 -13.58 1.87 6.03
C ALA A 188 -13.43 0.52 5.35
N PRO A 189 -13.31 0.50 4.03
CA PRO A 189 -13.17 -0.78 3.33
C PRO A 189 -11.88 -1.46 3.76
N LEU A 190 -11.90 -2.78 3.83
CA LEU A 190 -10.74 -3.54 4.23
C LEU A 190 -9.62 -3.34 3.23
N PRO A 191 -8.42 -3.07 3.72
CA PRO A 191 -7.27 -2.91 2.86
C PRO A 191 -6.35 -4.09 2.98
N SER A 192 -5.94 -4.64 1.85
CA SER A 192 -4.99 -5.72 1.79
C SER A 192 -3.80 -5.20 1.00
N ARG A 193 -2.61 -5.66 1.35
CA ARG A 193 -1.42 -5.13 0.70
C ARG A 193 -0.84 -6.26 -0.08
N GLY A 194 -0.71 -6.07 -1.38
CA GLY A 194 -0.13 -7.11 -2.19
C GLY A 194 0.99 -6.70 -3.12
N VAL A 196 2.63 -7.30 -7.11
CA VAL A 196 2.49 -7.83 -8.45
C VAL A 196 3.66 -8.76 -8.76
N VAL A 197 3.30 -9.92 -9.28
CA VAL A 197 4.22 -11.02 -9.50
C VAL A 197 4.01 -11.61 -10.89
N HIS A 198 5.01 -12.33 -11.39
CA HIS A 198 4.87 -12.97 -12.69
C HIS A 198 4.27 -14.35 -12.47
N GLY A 199 3.02 -14.50 -12.87
CA GLY A 199 2.28 -15.73 -12.73
C GLY A 199 1.34 -15.77 -13.91
N ASN A 200 0.77 -16.93 -14.22
CA ASN A 200 -0.16 -17.02 -15.34
C ASN A 200 -0.47 -15.64 -15.92
N GLY A 207 -8.73 -12.19 -24.15
CA GLY A 207 -9.85 -11.66 -23.40
C GLY A 207 -9.55 -10.44 -22.52
N TYR A 208 -9.47 -10.65 -21.20
CA TYR A 208 -9.17 -9.61 -20.20
C TYR A 208 -7.89 -9.92 -19.44
N PRO A 209 -6.93 -9.00 -19.43
CA PRO A 209 -5.67 -9.40 -18.81
C PRO A 209 -5.70 -9.22 -17.29
N THR A 210 -4.90 -10.02 -16.60
CA THR A 210 -4.91 -10.09 -15.15
C THR A 210 -3.57 -9.77 -14.46
N ALA A 211 -3.62 -8.95 -13.42
CA ALA A 211 -2.50 -8.89 -12.49
C ALA A 211 -2.59 -9.96 -11.39
N ASN A 212 -1.53 -10.76 -11.27
CA ASN A 212 -1.32 -11.70 -10.16
C ASN A 212 -0.71 -11.09 -8.94
N LEU A 213 -1.46 -11.06 -7.83
CA LEU A 213 -1.02 -10.47 -6.58
C LEU A 213 -0.69 -11.52 -5.56
N VAL A 214 0.40 -11.32 -4.83
CA VAL A 214 0.70 -12.07 -3.64
C VAL A 214 0.48 -11.18 -2.43
N LEU A 215 -0.36 -11.63 -1.51
CA LEU A 215 -0.62 -10.90 -0.25
C LEU A 215 0.66 -10.91 0.55
N LEU A 216 1.08 -9.76 1.07
CA LEU A 216 2.34 -9.63 1.80
C LEU A 216 2.24 -9.69 3.32
N ASP A 217 1.03 -9.82 3.84
CA ASP A 217 0.83 -9.81 5.28
C ASP A 217 -0.02 -10.96 5.72
N ARG A 218 0.10 -11.29 7.00
CA ARG A 218 -0.72 -12.31 7.59
C ARG A 218 -2.05 -11.67 7.95
N THR A 219 -2.81 -11.39 6.92
CA THR A 219 -4.10 -10.75 7.08
C THR A 219 -5.10 -11.65 6.44
N TYR A 220 -6.32 -11.55 6.91
CA TYR A 220 -7.43 -12.40 6.42
C TYR A 220 -7.73 -12.20 4.92
N PRO A 222 -10.43 -12.62 1.84
CA PRO A 222 -11.88 -12.86 1.63
C PRO A 222 -12.16 -14.24 1.02
N ALA A 223 -13.35 -14.77 1.27
CA ALA A 223 -13.77 -16.01 0.60
C ALA A 223 -13.60 -15.97 -0.91
N ASP A 224 -13.37 -17.14 -1.49
CA ASP A 224 -13.45 -17.32 -2.93
C ASP A 224 -14.65 -16.59 -3.54
N GLY A 225 -14.43 -15.99 -4.70
CA GLY A 225 -15.47 -15.22 -5.34
C GLY A 225 -14.88 -14.14 -6.22
N VAL A 226 -15.73 -13.31 -6.75
CA VAL A 226 -15.35 -12.24 -7.62
C VAL A 226 -15.85 -10.98 -6.93
N TYR A 227 -14.97 -10.00 -6.80
CA TYR A 227 -15.27 -8.83 -5.99
C TYR A 227 -15.02 -7.57 -6.75
N VAL A 228 -15.80 -6.53 -6.41
CA VAL A 228 -15.47 -5.19 -6.81
C VAL A 228 -14.50 -4.56 -5.77
N VAL A 229 -13.35 -4.13 -6.26
CA VAL A 229 -12.34 -3.58 -5.41
C VAL A 229 -11.81 -2.28 -6.00
N ASP A 230 -11.20 -1.43 -5.17
CA ASP A 230 -10.34 -0.35 -5.67
C ASP A 230 -8.93 -0.74 -5.47
N VAL A 231 -8.06 -0.39 -6.40
CA VAL A 231 -6.65 -0.72 -6.28
C VAL A 231 -5.78 0.52 -6.30
N GLU A 232 -4.86 0.63 -5.35
CA GLU A 232 -3.99 1.79 -5.30
C GLU A 232 -2.56 1.50 -5.75
N ILE A 233 -2.16 2.15 -6.83
CA ILE A 233 -0.81 2.03 -7.34
C ILE A 233 -0.18 3.40 -7.47
N GLN A 234 0.96 3.58 -6.83
CA GLN A 234 1.66 4.84 -6.90
C GLN A 234 0.75 5.96 -6.49
N ARG A 235 -0.06 5.73 -5.47
CA ARG A 235 -0.93 6.76 -4.92
C ARG A 235 -2.12 7.10 -5.80
N GLN A 236 -2.38 6.28 -6.80
CA GLN A 236 -3.53 6.49 -7.68
C GLN A 236 -4.46 5.30 -7.55
N LYS A 237 -5.75 5.57 -7.36
CA LYS A 237 -6.73 4.52 -7.19
C LYS A 237 -7.43 4.18 -8.48
N TYR A 238 -7.48 2.90 -8.79
CA TYR A 238 -8.17 2.41 -9.97
C TYR A 238 -9.27 1.45 -9.58
N ARG A 239 -10.35 1.41 -10.35
CA ARG A 239 -11.32 0.41 -10.07
C ARG A 239 -10.95 -0.92 -10.67
N ALA A 240 -11.25 -2.03 -9.97
CA ALA A 240 -10.89 -3.32 -10.54
C ALA A 240 -11.82 -4.50 -10.15
N ALA A 242 -11.59 -8.25 -8.58
CA ALA A 242 -10.68 -9.16 -7.91
C ALA A 242 -11.24 -10.57 -7.91
N SER A 243 -10.42 -11.56 -8.28
CA SER A 243 -10.86 -12.94 -8.27
C SER A 243 -10.07 -13.77 -7.26
N VAL A 244 -10.79 -14.44 -6.38
CA VAL A 244 -10.18 -15.32 -5.39
C VAL A 244 -10.73 -16.72 -5.54
N GLY A 245 -9.86 -17.68 -5.77
CA GLY A 245 -10.26 -19.06 -5.92
C GLY A 245 -9.23 -19.99 -5.33
N LYS A 246 -9.63 -21.18 -4.92
CA LYS A 246 -8.67 -22.14 -4.39
C LYS A 246 -8.34 -23.11 -5.49
N ASN A 247 -7.06 -23.22 -5.81
CA ASN A 247 -6.64 -24.07 -6.90
C ASN A 247 -6.86 -23.36 -8.21
N VAL A 248 -7.29 -22.10 -8.14
CA VAL A 248 -7.49 -21.29 -9.32
C VAL A 248 -6.54 -20.10 -9.34
N THR A 249 -6.60 -19.26 -8.30
CA THR A 249 -5.70 -18.12 -8.18
C THR A 249 -4.58 -18.37 -7.16
N PHE A 250 -4.72 -19.44 -6.38
CA PHE A 250 -3.71 -19.80 -5.38
C PHE A 250 -3.77 -21.28 -4.98
N ASP A 251 -2.72 -21.77 -4.34
CA ASP A 251 -2.65 -23.14 -3.85
C ASP A 251 -1.61 -23.28 -2.75
N GLU A 254 -0.18 -20.27 0.33
CA GLU A 254 0.14 -18.87 0.16
C GLU A 254 -1.02 -18.17 -0.51
N ALA A 255 -1.38 -17.01 0.01
CA ALA A 255 -2.53 -16.31 -0.51
C ALA A 255 -2.18 -15.50 -1.73
N ARG A 256 -2.78 -15.86 -2.84
CA ARG A 256 -2.61 -15.18 -4.09
C ARG A 256 -3.99 -14.99 -4.67
N PHE A 257 -4.10 -13.95 -5.47
CA PHE A 257 -5.31 -13.70 -6.14
C PHE A 257 -5.04 -12.80 -7.28
N GLU A 258 -6.08 -12.49 -8.01
CA GLU A 258 -5.89 -11.79 -9.26
C GLU A 258 -6.75 -10.55 -9.33
N VAL A 259 -6.26 -9.62 -10.12
CA VAL A 259 -7.02 -8.42 -10.31
C VAL A 259 -7.03 -8.01 -11.79
N ASN A 260 -8.16 -7.50 -12.25
CA ASN A 260 -8.25 -6.90 -13.57
C ASN A 260 -8.46 -5.43 -13.34
N ILE A 261 -7.43 -4.65 -13.60
CA ILE A 261 -7.47 -3.23 -13.32
C ILE A 261 -8.02 -2.53 -14.55
N PHE A 262 -9.19 -1.92 -14.40
CA PHE A 262 -9.80 -1.18 -15.50
C PHE A 262 -9.12 0.14 -15.78
N ASP A 263 -9.04 0.47 -17.06
CA ASP A 263 -8.46 1.72 -17.52
C ASP A 263 -7.02 1.87 -17.07
N PHE A 264 -6.30 0.75 -17.02
CA PHE A 264 -4.89 0.78 -16.66
C PHE A 264 -4.08 -0.22 -17.45
N ASN A 265 -3.09 0.25 -18.20
CA ASN A 265 -2.10 -0.65 -18.78
C ASN A 265 -0.69 -0.09 -18.59
N GLN A 266 0.10 -0.80 -17.80
CA GLN A 266 1.46 -0.42 -17.50
C GLN A 266 2.12 -1.67 -17.00
N ASP A 267 3.44 -1.68 -16.93
CA ASP A 267 4.09 -2.83 -16.35
C ASP A 267 4.35 -2.47 -14.92
N ILE A 268 3.75 -3.21 -14.01
CA ILE A 268 3.88 -2.95 -12.59
C ILE A 268 4.41 -4.11 -11.76
N TYR A 269 5.14 -5.03 -12.37
CA TYR A 269 5.65 -6.16 -11.62
C TYR A 269 6.59 -5.72 -10.53
N GLY A 270 6.49 -6.35 -9.37
CA GLY A 270 7.37 -6.05 -8.27
C GLY A 270 6.90 -4.82 -7.51
N GLU A 271 5.79 -4.27 -7.95
CA GLU A 271 5.21 -3.13 -7.30
C GLU A 271 4.22 -3.56 -6.18
N THR A 272 4.28 -2.87 -5.06
CA THR A 272 3.31 -3.13 -4.01
C THR A 272 2.02 -2.41 -4.36
N VAL A 273 0.88 -3.09 -4.23
CA VAL A 273 -0.39 -2.36 -4.30
C VAL A 273 -1.33 -2.57 -3.12
N VAL A 275 -5.18 -3.18 -2.19
CA VAL A 275 -6.54 -3.51 -2.55
C VAL A 275 -7.51 -3.15 -1.43
N TYR A 276 -8.53 -2.37 -1.78
CA TYR A 276 -9.67 -2.07 -0.93
C TYR A 276 -10.91 -2.86 -1.39
N TRP A 277 -11.43 -3.75 -0.53
CA TRP A 277 -12.56 -4.62 -0.91
C TRP A 277 -13.89 -3.88 -0.77
N LEU A 278 -14.58 -3.66 -1.88
CA LEU A 278 -15.83 -2.90 -1.82
C LEU A 278 -17.10 -3.78 -1.75
N ASP A 279 -17.13 -4.81 -2.58
CA ASP A 279 -18.30 -5.67 -2.65
C ASP A 279 -18.05 -7.00 -3.31
N ARG A 280 -18.89 -7.97 -2.96
CA ARG A 280 -18.86 -9.28 -3.64
C ARG A 280 -19.85 -9.33 -4.81
N ILE A 281 -19.42 -9.93 -5.91
CA ILE A 281 -20.33 -10.06 -7.06
C ILE A 281 -21.00 -11.43 -7.16
N ARG A 282 -20.19 -12.47 -7.06
CA ARG A 282 -20.63 -13.82 -7.33
C ARG A 282 -19.60 -14.74 -6.74
N ASP A 283 -19.95 -16.04 -6.78
CA ASP A 283 -19.11 -17.14 -6.36
C ASP A 283 -18.19 -17.43 -7.51
N THR A 285 -17.18 -20.00 -10.22
CA THR A 285 -18.14 -20.83 -10.89
C THR A 285 -17.42 -21.46 -12.04
N LYS A 286 -17.67 -22.74 -12.30
CA LYS A 286 -17.16 -23.30 -13.53
C LYS A 286 -18.25 -23.03 -14.58
N PHE A 287 -17.83 -22.78 -15.82
CA PHE A 287 -18.70 -22.41 -16.94
C PHE A 287 -18.69 -23.55 -17.93
N ASP A 288 -19.84 -23.82 -18.50
CA ASP A 288 -19.92 -24.91 -19.44
C ASP A 288 -19.29 -24.50 -20.76
N SER A 289 -19.45 -23.24 -21.15
CA SER A 289 -18.80 -22.87 -22.40
C SER A 289 -18.08 -21.54 -22.33
N VAL A 290 -17.12 -21.39 -23.23
CA VAL A 290 -16.43 -20.13 -23.43
C VAL A 290 -17.38 -18.93 -23.51
N ASP A 291 -18.42 -19.05 -24.34
CA ASP A 291 -19.41 -18.00 -24.54
C ASP A 291 -20.05 -17.62 -23.23
N GLN A 292 -20.37 -18.62 -22.42
CA GLN A 292 -20.97 -18.38 -21.11
C GLN A 292 -20.02 -17.56 -20.25
N LEU A 293 -18.75 -17.93 -20.30
CA LEU A 293 -17.71 -17.29 -19.52
C LEU A 293 -17.53 -15.84 -19.91
N VAL A 294 -17.40 -15.59 -21.20
CA VAL A 294 -17.24 -14.24 -21.69
C VAL A 294 -18.43 -13.33 -21.29
N ASP A 295 -19.64 -13.84 -21.50
CA ASP A 295 -20.88 -13.15 -21.11
C ASP A 295 -20.85 -12.72 -19.64
N GLN A 296 -20.44 -13.63 -18.75
CA GLN A 296 -20.29 -13.38 -17.31
C GLN A 296 -19.26 -12.25 -17.08
N LEU A 297 -18.08 -12.39 -17.65
CA LEU A 297 -17.06 -11.35 -17.57
C LEU A 297 -17.57 -9.97 -18.03
N LYS A 298 -18.24 -9.91 -19.19
CA LYS A 298 -18.74 -8.62 -19.65
C LYS A 298 -19.69 -8.03 -18.63
N ALA A 299 -20.57 -8.88 -18.10
CA ALA A 299 -21.53 -8.50 -17.06
C ALA A 299 -20.82 -8.07 -15.78
N ASP A 300 -19.78 -8.80 -15.40
CA ASP A 300 -19.03 -8.45 -14.22
C ASP A 300 -18.38 -7.08 -14.40
N GLU A 301 -17.77 -6.89 -15.56
CA GLU A 301 -17.06 -5.67 -15.83
C GLU A 301 -18.02 -4.50 -15.71
N GLU A 302 -19.21 -4.69 -16.22
CA GLU A 302 -20.16 -3.61 -16.17
C GLU A 302 -20.53 -3.32 -14.73
N VAL A 303 -20.66 -4.37 -13.91
CA VAL A 303 -21.15 -4.19 -12.55
C VAL A 303 -20.12 -3.47 -11.73
N THR A 304 -18.87 -3.84 -11.96
CA THR A 304 -17.73 -3.28 -11.27
C THR A 304 -17.52 -1.80 -11.64
N ARG A 305 -17.33 -1.48 -12.93
CA ARG A 305 -17.13 -0.07 -13.35
C ARG A 305 -18.21 0.85 -12.87
N ASN A 306 -19.39 0.33 -12.58
CA ASN A 306 -20.55 1.19 -12.23
C ASN A 306 -20.98 1.17 -10.79
N TRP A 307 -20.34 0.32 -10.00
CA TRP A 307 -20.73 0.19 -8.63
C TRP A 307 -20.51 1.53 -7.97
N SER A 308 -21.42 1.90 -7.11
CA SER A 308 -21.12 2.90 -6.11
C SER A 308 -22.20 2.91 -5.03
N ILE B 5 13.88 4.28 12.70
CA ILE B 5 14.47 5.62 12.74
C ILE B 5 15.23 5.96 11.46
N ILE B 6 16.06 5.00 11.06
CA ILE B 6 16.94 5.16 9.91
C ILE B 6 16.23 4.86 8.57
N THR B 7 15.19 4.05 8.62
CA THR B 7 14.56 3.58 7.41
C THR B 7 13.31 4.38 7.04
N ILE B 8 13.32 4.99 5.86
CA ILE B 8 12.10 5.59 5.33
C ILE B 8 11.76 5.03 3.96
N PRO B 9 10.55 4.43 3.85
CA PRO B 9 9.98 3.80 2.66
C PRO B 9 9.44 4.85 1.68
N ILE B 10 9.72 4.63 0.42
CA ILE B 10 9.36 5.57 -0.59
C ILE B 10 8.75 4.91 -1.82
N LYS B 11 7.71 5.52 -2.35
CA LYS B 11 7.16 5.14 -3.64
C LYS B 11 8.11 5.53 -4.76
N ASN B 12 8.72 6.70 -4.60
CA ASN B 12 9.62 7.27 -5.60
C ASN B 12 10.60 8.30 -5.06
N GLN B 13 11.46 8.81 -5.94
CA GLN B 13 12.52 9.74 -5.57
C GLN B 13 12.03 11.03 -4.94
N LYS B 14 10.82 11.44 -5.29
CA LYS B 14 10.22 12.67 -4.75
C LYS B 14 10.09 12.56 -3.24
N ASP B 15 9.89 11.34 -2.76
CA ASP B 15 9.75 11.08 -1.34
C ASP B 15 11.02 11.27 -0.51
N ILE B 16 12.17 11.22 -1.17
CA ILE B 16 13.47 11.29 -0.51
C ILE B 16 13.63 12.68 0.04
N GLY B 17 14.23 12.79 1.22
CA GLY B 17 14.35 14.07 1.89
C GLY B 17 15.70 14.51 2.39
N THR B 18 16.79 14.02 1.83
CA THR B 18 18.09 14.37 2.38
C THR B 18 18.14 15.88 2.38
N PRO B 19 18.47 16.45 3.53
CA PRO B 19 18.60 17.91 3.63
C PRO B 19 19.81 18.46 2.90
N SER B 20 20.92 17.74 2.96
CA SER B 20 22.17 18.31 2.48
C SER B 20 23.00 17.31 1.72
N ASP B 21 24.19 17.71 1.31
CA ASP B 21 25.08 16.82 0.59
C ASP B 21 25.42 15.65 1.48
N SER B 22 25.66 14.51 0.88
CA SER B 22 25.88 13.28 1.62
C SER B 22 26.64 12.25 0.80
N VAL B 23 27.08 11.19 1.46
CA VAL B 23 27.74 10.09 0.76
C VAL B 23 26.73 8.97 0.56
N VAL B 24 26.64 8.51 -0.68
CA VAL B 24 25.70 7.50 -1.05
C VAL B 24 26.48 6.26 -1.41
N VAL B 25 26.27 5.15 -0.70
CA VAL B 25 26.87 3.87 -1.09
C VAL B 25 25.86 3.07 -1.90
N LEU B 26 26.28 2.46 -3.00
CA LEU B 26 25.39 1.61 -3.82
C LEU B 26 25.66 0.09 -3.74
N GLY B 27 24.65 -0.68 -4.14
CA GLY B 27 24.66 -2.14 -4.10
C GLY B 27 23.30 -2.64 -3.62
N TYR B 28 23.06 -3.94 -3.76
CA TYR B 28 21.94 -4.58 -3.05
C TYR B 28 22.52 -5.12 -1.74
N PHE B 29 21.94 -4.70 -0.62
CA PHE B 29 22.55 -5.01 0.67
C PHE B 29 21.80 -6.06 1.49
N ASP B 30 22.09 -7.32 1.23
CA ASP B 30 21.47 -8.40 1.96
C ASP B 30 22.48 -9.02 2.90
N GLY B 31 22.17 -8.94 4.19
CA GLY B 31 22.99 -9.51 5.23
C GLY B 31 24.07 -8.57 5.72
N ILE B 32 24.30 -7.49 5.00
CA ILE B 32 25.30 -6.52 5.43
C ILE B 32 26.61 -7.25 5.74
N HIS B 33 27.05 -8.08 4.82
CA HIS B 33 28.24 -8.90 4.99
C HIS B 33 29.47 -8.04 4.90
N LYS B 34 30.62 -8.63 5.18
CA LYS B 34 31.85 -7.86 5.30
C LYS B 34 32.23 -7.07 4.04
N GLY B 35 32.06 -7.64 2.85
CA GLY B 35 32.40 -6.92 1.65
C GLY B 35 31.61 -5.63 1.59
N HIS B 36 30.41 -5.68 2.16
CA HIS B 36 29.60 -4.50 2.35
C HIS B 36 30.27 -3.64 3.37
N GLN B 37 30.86 -4.28 4.37
CA GLN B 37 31.47 -3.55 5.46
C GLN B 37 32.62 -2.66 4.95
N GLU B 38 33.40 -3.20 4.02
CA GLU B 38 34.48 -2.44 3.42
C GLU B 38 33.94 -1.25 2.65
N LEU B 39 32.83 -1.45 1.93
CA LEU B 39 32.26 -0.37 1.14
C LEU B 39 31.89 0.75 2.07
N PHE B 40 31.29 0.41 3.18
CA PHE B 40 30.99 1.40 4.20
C PHE B 40 32.28 1.92 4.78
N ARG B 41 33.26 1.04 4.92
CA ARG B 41 34.53 1.45 5.47
C ARG B 41 35.21 2.49 4.58
N VAL B 42 35.20 2.23 3.28
CA VAL B 42 35.77 3.16 2.33
C VAL B 42 34.98 4.45 2.33
N ALA B 43 33.66 4.32 2.40
CA ALA B 43 32.77 5.47 2.41
C ALA B 43 32.96 6.35 3.63
N ASN B 44 33.18 5.73 4.77
CA ASN B 44 33.41 6.45 6.01
C ASN B 44 34.71 7.26 5.95
N LYS B 45 35.72 6.68 5.32
CA LYS B 45 37.04 7.31 5.16
C LYS B 45 36.99 8.42 4.12
N ALA B 46 35.95 8.41 3.29
CA ALA B 46 35.62 9.55 2.41
C ALA B 46 34.67 10.60 3.04
N ALA B 47 33.68 10.15 3.81
CA ALA B 47 32.68 11.04 4.41
C ALA B 47 33.33 11.96 5.43
N ARG B 48 34.61 11.71 5.66
CA ARG B 48 35.38 12.48 6.61
C ARG B 48 35.92 13.79 6.04
N LYS B 49 36.22 13.80 4.74
CA LYS B 49 36.78 14.98 4.07
C LYS B 49 35.87 16.21 4.07
N ASP B 50 34.56 15.99 4.20
CA ASP B 50 33.55 17.06 4.36
C ASP B 50 32.50 16.81 5.48
N LEU B 51 32.64 15.71 6.22
CA LEU B 51 31.75 15.31 7.34
C LEU B 51 30.29 14.96 6.99
N LEU B 52 30.12 14.41 5.80
CA LEU B 52 28.82 14.27 5.21
C LEU B 52 28.15 12.97 5.65
N PRO B 53 26.79 12.97 5.68
CA PRO B 53 25.96 11.80 6.09
C PRO B 53 25.95 10.73 5.03
N ILE B 54 26.06 9.48 5.46
CA ILE B 54 25.81 8.36 4.55
C ILE B 54 24.31 8.07 4.50
N VAL B 55 23.81 8.01 3.27
CA VAL B 55 22.43 7.70 3.00
C VAL B 55 22.57 6.61 1.98
N VAL B 56 21.59 5.72 1.99
CA VAL B 56 21.61 4.51 1.19
C VAL B 56 20.20 4.12 0.67
N THR B 58 18.17 0.81 -0.83
CA THR B 58 18.04 -0.57 -1.28
C THR B 58 16.57 -0.95 -1.46
N PHE B 59 16.26 -2.23 -1.67
CA PHE B 59 14.88 -2.63 -1.98
C PHE B 59 14.21 -3.53 -0.98
N ASN B 60 12.89 -3.42 -0.94
CA ASN B 60 12.10 -4.20 0.00
C ASN B 60 12.27 -5.68 -0.30
N GLU B 61 12.25 -6.05 -1.59
CA GLU B 61 12.32 -7.45 -2.02
C GLU B 61 13.22 -7.65 -3.20
N SER B 62 13.61 -8.91 -3.39
CA SER B 62 14.49 -9.24 -4.47
C SER B 62 14.05 -8.55 -5.76
N PRO B 63 15.00 -7.92 -6.47
CA PRO B 63 14.70 -7.41 -7.82
C PRO B 63 14.27 -8.58 -8.70
N LYS B 64 14.70 -9.78 -8.32
CA LYS B 64 14.33 -10.98 -9.07
C LYS B 64 12.79 -11.12 -9.26
N ILE B 65 12.01 -10.44 -8.43
CA ILE B 65 10.56 -10.61 -8.47
C ILE B 65 9.87 -9.84 -9.59
N ALA B 66 10.43 -8.69 -9.96
CA ALA B 66 9.91 -7.93 -11.08
C ALA B 66 10.39 -8.55 -12.38
N LEU B 67 11.45 -9.33 -12.28
CA LEU B 67 12.11 -9.87 -13.47
C LEU B 67 11.82 -11.31 -13.79
N GLU B 68 11.66 -12.19 -12.82
CA GLU B 68 11.46 -13.60 -13.20
C GLU B 68 10.11 -14.23 -12.83
N PRO B 69 9.86 -15.44 -13.34
CA PRO B 69 8.66 -16.17 -12.96
C PRO B 69 8.60 -16.24 -11.46
N TYR B 70 7.43 -15.94 -10.93
CA TYR B 70 7.23 -15.96 -9.52
C TYR B 70 7.57 -17.30 -8.85
N HIS B 71 8.15 -17.24 -7.66
CA HIS B 71 8.34 -18.42 -6.82
C HIS B 71 8.53 -17.89 -5.41
N PRO B 72 7.90 -18.51 -4.43
CA PRO B 72 7.98 -18.04 -3.03
C PRO B 72 9.40 -17.87 -2.49
N ASP B 73 10.33 -18.68 -2.97
CA ASP B 73 11.73 -18.57 -2.57
C ASP B 73 12.29 -17.16 -2.82
N LEU B 74 11.78 -16.50 -3.85
CA LEU B 74 12.15 -15.14 -4.13
C LEU B 74 11.89 -14.18 -2.99
N PHE B 75 10.99 -14.50 -2.07
CA PHE B 75 10.73 -13.58 -0.96
C PHE B 75 11.64 -13.78 0.24
N LEU B 76 12.59 -14.68 0.09
CA LEU B 76 13.51 -15.04 1.13
C LEU B 76 14.73 -14.07 1.21
N HIS B 77 14.99 -13.58 2.42
CA HIS B 77 16.14 -12.76 2.76
C HIS B 77 17.04 -13.46 3.77
N ILE B 78 18.22 -12.93 3.98
CA ILE B 78 19.11 -13.43 5.00
C ILE B 78 18.75 -12.80 6.34
N LEU B 79 18.21 -11.59 6.31
CA LEU B 79 18.00 -10.83 7.53
C LEU B 79 16.65 -10.25 7.43
N ASN B 80 15.97 -10.12 8.55
CA ASN B 80 14.70 -9.40 8.54
C ASN B 80 14.99 -7.90 8.53
N PRO B 81 13.99 -7.06 8.21
CA PRO B 81 14.25 -5.63 8.06
C PRO B 81 14.82 -4.95 9.34
N ALA B 82 14.41 -5.39 10.53
CA ALA B 82 14.87 -4.73 11.76
C ALA B 82 16.33 -4.96 11.99
N GLU B 83 16.75 -6.18 11.69
CA GLU B 83 18.16 -6.54 11.71
C GLU B 83 18.99 -5.94 10.58
N ARG B 84 18.37 -5.63 9.45
CA ARG B 84 19.09 -5.10 8.31
C ARG B 84 19.51 -3.65 8.65
N GLU B 85 18.55 -2.91 9.21
CA GLU B 85 18.76 -1.61 9.82
C GLU B 85 19.92 -1.61 10.83
N ARG B 86 19.99 -2.63 11.69
CA ARG B 86 20.99 -2.64 12.75
C ARG B 86 22.31 -2.69 12.08
N LYS B 87 22.51 -3.68 11.22
CA LYS B 87 23.83 -3.72 10.60
C LYS B 87 24.20 -2.40 9.89
N LEU B 88 23.27 -1.87 9.10
CA LEU B 88 23.48 -0.62 8.37
C LEU B 88 23.75 0.55 9.33
N LYS B 89 22.81 0.78 10.26
CA LYS B 89 23.02 1.82 11.25
C LYS B 89 24.41 1.73 11.93
N ARG B 90 24.72 0.61 12.55
CA ARG B 90 26.05 0.36 13.07
C ARG B 90 27.10 0.75 12.06
N GLU B 91 26.80 0.57 10.77
CA GLU B 91 27.83 0.70 9.74
C GLU B 91 27.92 2.18 9.37
N GLY B 92 27.23 2.95 10.19
CA GLY B 92 27.13 4.37 10.03
C GLY B 92 26.20 4.84 8.94
N VAL B 93 25.03 4.22 8.79
CA VAL B 93 24.09 4.77 7.84
C VAL B 93 23.11 5.68 8.58
N GLU B 94 22.76 6.80 7.94
CA GLU B 94 21.99 7.88 8.55
C GLU B 94 20.54 7.95 8.06
N GLU B 95 20.39 7.76 6.75
CA GLU B 95 19.10 7.68 6.10
C GLU B 95 19.13 6.42 5.23
N LEU B 96 18.17 5.51 5.48
CA LEU B 96 17.96 4.34 4.63
C LEU B 96 16.65 4.45 3.86
N TYR B 97 16.73 4.30 2.55
CA TYR B 97 15.51 4.32 1.76
C TYR B 97 15.15 2.95 1.25
N LEU B 98 13.88 2.58 1.41
CA LEU B 98 13.38 1.32 0.90
C LEU B 98 12.35 1.58 -0.18
N LEU B 99 12.59 0.99 -1.34
CA LEU B 99 11.76 1.20 -2.50
C LEU B 99 11.50 -0.16 -3.12
N ASP B 100 10.38 -0.28 -3.82
CA ASP B 100 10.08 -1.52 -4.50
C ASP B 100 10.76 -1.54 -5.84
N PHE B 101 11.42 -2.64 -6.15
CA PHE B 101 12.09 -2.73 -7.43
C PHE B 101 11.03 -3.10 -8.45
N SER B 102 10.29 -2.09 -8.86
CA SER B 102 9.21 -2.23 -9.82
C SER B 102 9.70 -2.33 -11.24
N SER B 103 8.81 -2.68 -12.15
CA SER B 103 9.13 -2.76 -13.56
C SER B 103 9.57 -1.38 -14.01
N GLN B 104 8.92 -0.36 -13.49
CA GLN B 104 9.25 1.02 -13.80
C GLN B 104 10.66 1.39 -13.36
N PHE B 105 11.04 1.01 -12.16
CA PHE B 105 12.39 1.30 -11.75
C PHE B 105 13.39 0.55 -12.63
N ALA B 106 13.01 -0.62 -13.10
CA ALA B 106 13.92 -1.42 -13.92
C ALA B 106 14.27 -0.67 -15.20
N SER B 107 13.28 0.06 -15.72
CA SER B 107 13.37 0.71 -17.03
C SER B 107 14.25 1.96 -17.07
N LEU B 108 14.49 2.56 -15.91
CA LEU B 108 15.45 3.66 -15.78
C LEU B 108 16.79 3.31 -16.38
N THR B 109 17.27 4.18 -17.28
CA THR B 109 18.64 4.13 -17.78
C THR B 109 19.58 4.73 -16.75
N ALA B 110 20.85 4.45 -16.89
CA ALA B 110 21.83 4.93 -15.92
C ALA B 110 21.83 6.47 -15.75
N GLN B 111 21.66 7.20 -16.85
CA GLN B 111 21.48 8.63 -16.76
C GLN B 111 20.21 8.91 -15.96
N GLU B 112 19.11 8.33 -16.40
CA GLU B 112 17.83 8.58 -15.78
C GLU B 112 17.83 8.36 -14.26
N PHE B 113 18.56 7.35 -13.81
CA PHE B 113 18.67 7.06 -12.38
C PHE B 113 19.33 8.21 -11.61
N PHE B 114 20.46 8.69 -12.17
CA PHE B 114 21.20 9.83 -11.61
C PHE B 114 20.39 11.08 -11.54
N ALA B 115 19.59 11.26 -12.58
CA ALA B 115 18.68 12.38 -12.74
C ALA B 115 17.61 12.41 -11.65
N THR B 116 17.21 11.23 -11.19
CA THR B 116 16.13 11.17 -10.21
C THR B 116 16.65 10.89 -8.83
N TYR B 117 17.08 9.66 -8.59
CA TYR B 117 17.34 9.24 -7.23
C TYR B 117 18.65 9.85 -6.69
N ILE B 118 19.73 9.80 -7.48
CA ILE B 118 20.99 10.40 -7.02
C ILE B 118 20.78 11.89 -6.79
N LYS B 119 20.13 12.55 -7.73
CA LYS B 119 19.83 13.96 -7.53
C LYS B 119 19.15 14.17 -6.17
N ALA B 120 18.12 13.40 -5.92
CA ALA B 120 17.34 13.53 -4.70
C ALA B 120 18.24 13.27 -3.52
N ASN B 122 21.55 13.74 -3.14
CA ASN B 122 22.41 14.88 -2.86
C ASN B 122 23.88 14.47 -2.77
N ALA B 123 24.24 13.40 -3.48
CA ALA B 123 25.54 12.78 -3.31
C ALA B 123 26.66 13.68 -3.84
N LYS B 124 27.54 14.10 -2.93
CA LYS B 124 28.82 14.67 -3.27
C LYS B 124 29.71 13.61 -3.89
N ILE B 125 29.71 12.43 -3.28
CA ILE B 125 30.51 11.30 -3.76
C ILE B 125 29.71 10.00 -3.68
N ILE B 126 30.03 9.06 -4.57
CA ILE B 126 29.38 7.77 -4.54
C ILE B 126 30.41 6.66 -4.35
N VAL B 127 30.12 5.77 -3.41
CA VAL B 127 30.99 4.63 -3.14
C VAL B 127 30.35 3.38 -3.69
N ALA B 128 31.10 2.63 -4.47
CA ALA B 128 30.56 1.45 -5.12
C ALA B 128 31.49 0.23 -5.22
N GLY B 129 30.88 -0.94 -5.35
CA GLY B 129 31.61 -2.16 -5.53
C GLY B 129 32.14 -2.32 -6.93
N PHE B 130 33.22 -3.08 -7.07
CA PHE B 130 33.81 -3.31 -8.37
C PHE B 130 32.79 -3.99 -9.27
N ASP B 131 32.06 -4.94 -8.70
CA ASP B 131 31.05 -5.72 -9.42
C ASP B 131 29.90 -4.88 -9.94
N TYR B 132 29.56 -3.82 -9.22
CA TYR B 132 28.23 -3.26 -9.27
C TYR B 132 27.81 -2.84 -10.68
N THR B 133 26.61 -3.26 -11.04
CA THR B 133 25.97 -2.93 -12.30
C THR B 133 24.66 -2.24 -12.00
N PHE B 134 24.39 -1.13 -12.66
CA PHE B 134 23.16 -0.37 -12.43
C PHE B 134 22.47 -0.03 -13.75
N GLY B 135 21.21 0.39 -13.67
CA GLY B 135 20.62 1.10 -14.77
C GLY B 135 20.12 0.16 -15.83
N SER B 136 19.20 0.64 -16.66
CA SER B 136 18.71 -0.17 -17.75
C SER B 136 19.86 -0.44 -18.71
N ASP B 137 20.68 0.58 -18.93
CA ASP B 137 21.78 0.49 -19.89
C ASP B 137 22.76 -0.61 -19.50
N LYS B 138 22.95 -0.84 -18.19
CA LYS B 138 23.91 -1.82 -17.72
C LYS B 138 25.23 -1.15 -17.38
N LYS B 139 25.22 0.17 -17.32
CA LYS B 139 26.46 0.87 -17.08
C LYS B 139 27.05 0.33 -15.79
N THR B 140 28.35 0.10 -15.85
CA THR B 140 29.13 -0.56 -14.79
C THR B 140 29.89 0.39 -13.88
N ALA B 141 30.67 -0.20 -12.98
CA ALA B 141 31.45 0.57 -12.04
C ALA B 141 32.23 1.72 -12.68
N GLU B 142 32.83 1.46 -13.85
CA GLU B 142 33.69 2.47 -14.48
C GLU B 142 32.88 3.55 -15.19
N ASP B 143 31.68 3.20 -15.61
CA ASP B 143 30.87 4.15 -16.34
C ASP B 143 30.33 5.23 -15.41
N LEU B 144 30.73 5.16 -14.14
CA LEU B 144 30.12 6.00 -13.10
C LEU B 144 30.60 7.42 -13.11
N LYS B 145 31.89 7.60 -13.37
CA LYS B 145 32.53 8.91 -13.46
C LYS B 145 31.81 9.82 -14.45
N ASN B 146 31.41 9.28 -15.59
CA ASN B 146 30.75 10.11 -16.58
C ASN B 146 29.46 10.71 -16.05
N TYR B 147 28.66 9.88 -15.41
CA TYR B 147 27.41 10.31 -14.80
C TYR B 147 27.57 11.26 -13.62
N PHE B 148 28.60 11.04 -12.82
CA PHE B 148 28.81 11.85 -11.63
C PHE B 148 29.98 12.82 -11.77
N ASP B 149 29.68 14.08 -11.51
CA ASP B 149 30.65 15.16 -11.49
C ASP B 149 31.62 14.90 -10.35
N GLY B 150 31.07 14.41 -9.26
CA GLY B 150 31.77 14.16 -8.02
C GLY B 150 32.68 12.96 -8.02
N GLU B 151 33.43 12.79 -6.93
CA GLU B 151 34.35 11.67 -6.80
C GLU B 151 33.64 10.32 -6.83
N VAL B 152 34.20 9.40 -7.59
CA VAL B 152 33.68 8.05 -7.70
C VAL B 152 34.73 7.14 -7.10
N ILE B 153 34.30 6.31 -6.16
CA ILE B 153 35.20 5.44 -5.41
C ILE B 153 34.80 4.01 -5.66
N ILE B 154 35.71 3.19 -6.17
CA ILE B 154 35.35 1.83 -6.50
C ILE B 154 36.16 0.93 -5.62
N VAL B 155 35.52 0.45 -4.54
CA VAL B 155 36.17 -0.45 -3.61
C VAL B 155 36.39 -1.78 -4.30
N PRO B 156 37.61 -2.32 -4.17
CA PRO B 156 37.99 -3.60 -4.74
C PRO B 156 37.44 -4.75 -3.87
N PRO B 157 37.08 -5.88 -4.51
CA PRO B 157 36.31 -6.97 -3.91
C PRO B 157 36.98 -7.50 -2.65
N VAL B 158 36.25 -7.54 -1.55
CA VAL B 158 36.81 -7.94 -0.28
C VAL B 158 36.88 -9.44 -0.21
N GLU B 159 37.95 -9.98 -0.79
CA GLU B 159 38.21 -11.40 -0.89
C GLU B 159 38.58 -12.05 0.44
N ASP B 160 38.42 -13.37 0.47
CA ASP B 160 38.79 -14.20 1.61
C ASP B 160 39.38 -15.48 1.03
N GLU B 161 39.95 -16.33 1.87
CA GLU B 161 40.72 -17.45 1.37
C GLU B 161 39.86 -18.26 0.43
N LYS B 162 38.58 -18.40 0.76
CA LYS B 162 37.66 -19.08 -0.14
C LYS B 162 37.50 -18.32 -1.45
N GLY B 163 37.48 -17.00 -1.37
CA GLY B 163 37.29 -16.19 -2.56
C GLY B 163 36.52 -14.92 -2.25
N LYS B 164 35.79 -14.42 -3.23
CA LYS B 164 34.98 -13.23 -3.05
C LYS B 164 33.88 -13.49 -2.01
N ILE B 165 33.70 -12.53 -1.11
CA ILE B 165 32.73 -12.67 -0.01
C ILE B 165 31.32 -12.21 -0.42
N SER B 166 30.41 -13.14 -0.74
CA SER B 166 29.08 -12.78 -1.23
C SER B 166 27.83 -13.32 -0.51
N SER B 167 26.69 -12.69 -0.79
CA SER B 167 25.38 -13.09 -0.23
C SER B 167 24.99 -14.47 -0.71
N THR B 168 25.46 -14.78 -1.90
CA THR B 168 25.26 -16.08 -2.46
C THR B 168 26.06 -17.13 -1.67
N ARG B 169 27.25 -16.75 -1.18
CA ARG B 169 28.04 -17.66 -0.34
C ARG B 169 27.41 -17.81 1.05
N ILE B 170 26.80 -16.75 1.53
CA ILE B 170 26.09 -16.78 2.79
C ILE B 170 24.79 -17.64 2.67
N ARG B 171 23.92 -17.29 1.73
CA ARG B 171 22.73 -18.06 1.42
C ARG B 171 23.12 -19.53 1.37
N GLN B 172 24.16 -19.83 0.61
CA GLN B 172 24.56 -21.21 0.42
C GLN B 172 24.99 -21.86 1.73
N ALA B 173 25.87 -21.21 2.47
CA ALA B 173 26.33 -21.72 3.76
C ALA B 173 25.20 -22.05 4.76
N ILE B 174 24.26 -21.12 4.90
CA ILE B 174 23.15 -21.34 5.79
C ILE B 174 22.36 -22.58 5.39
N LEU B 175 22.03 -22.68 4.10
CA LEU B 175 21.27 -23.81 3.56
C LEU B 175 22.03 -25.10 3.71
N ASP B 176 23.37 -25.03 3.70
CA ASP B 176 24.21 -26.20 3.94
C ASP B 176 24.29 -26.57 5.41
N GLY B 177 23.88 -25.69 6.30
CA GLY B 177 24.01 -25.97 7.71
C GLY B 177 25.24 -25.32 8.33
N ASN B 178 26.16 -24.86 7.49
CA ASN B 178 27.42 -24.34 7.98
C ASN B 178 27.23 -22.88 8.44
N VAL B 179 26.68 -22.73 9.63
CA VAL B 179 26.32 -21.45 10.21
C VAL B 179 27.52 -20.74 10.82
N LYS B 180 28.56 -21.50 11.19
CA LYS B 180 29.79 -20.91 11.69
C LYS B 180 30.37 -20.05 10.57
N GLU B 181 30.43 -20.66 9.38
CA GLU B 181 31.00 -20.04 8.18
C GLU B 181 30.17 -18.83 7.75
N ALA B 182 28.87 -18.92 7.96
CA ALA B 182 28.01 -17.81 7.61
C ALA B 182 28.15 -16.65 8.59
N GLY B 183 28.38 -16.97 9.86
CA GLY B 183 28.59 -15.95 10.87
C GLY B 183 29.89 -15.21 10.56
N LYS B 184 30.90 -15.96 10.14
CA LYS B 184 32.19 -15.41 9.75
C LYS B 184 32.03 -14.33 8.67
N LEU B 185 31.42 -14.71 7.55
CA LEU B 185 31.22 -13.82 6.41
C LEU B 185 30.32 -12.64 6.76
N LEU B 186 29.28 -12.91 7.52
CA LEU B 186 28.38 -11.87 7.97
C LEU B 186 29.12 -10.91 8.85
N GLY B 187 30.05 -11.44 9.63
CA GLY B 187 30.78 -10.65 10.59
C GLY B 187 30.06 -10.68 11.91
N ALA B 188 28.95 -11.41 11.92
CA ALA B 188 28.20 -11.66 13.13
C ALA B 188 27.41 -12.93 12.90
N PRO B 189 27.01 -13.60 13.97
CA PRO B 189 26.21 -14.81 13.83
C PRO B 189 24.84 -14.47 13.29
N LEU B 190 24.26 -15.37 12.50
CA LEU B 190 22.94 -15.15 11.96
C LEU B 190 21.95 -15.05 13.09
N PRO B 191 21.15 -14.00 13.05
CA PRO B 191 20.03 -13.79 13.96
C PRO B 191 18.75 -14.26 13.26
N SER B 192 17.92 -15.05 13.94
CA SER B 192 16.59 -15.49 13.43
C SER B 192 15.57 -15.10 14.48
N ARG B 193 14.51 -14.43 14.06
CA ARG B 193 13.49 -14.00 15.03
C ARG B 193 12.28 -14.99 15.11
N GLY B 194 12.09 -15.60 16.27
CA GLY B 194 11.08 -16.60 16.51
C GLY B 194 10.06 -16.18 17.55
N VAL B 196 7.74 -17.94 20.69
CA VAL B 196 7.41 -19.14 21.43
C VAL B 196 5.93 -19.40 21.35
N VAL B 197 5.59 -20.64 21.08
CA VAL B 197 4.24 -21.06 20.80
C VAL B 197 3.95 -22.37 21.51
N HIS B 198 2.68 -22.69 21.67
CA HIS B 198 2.28 -23.93 22.30
C HIS B 198 2.30 -25.04 21.27
N GLY B 199 3.46 -25.63 21.08
CA GLY B 199 3.66 -26.68 20.11
C GLY B 199 3.75 -28.06 20.73
N ASN B 200 4.60 -28.90 20.17
CA ASN B 200 4.76 -30.24 20.70
C ASN B 200 5.65 -30.18 21.93
N ALA B 201 5.08 -30.61 23.05
CA ALA B 201 5.72 -30.48 24.35
C ALA B 201 6.32 -31.78 24.84
N ARG B 202 6.67 -32.66 23.93
CA ARG B 202 7.20 -33.95 24.31
C ARG B 202 8.40 -33.70 25.16
N GLY B 203 9.17 -32.66 24.82
CA GLY B 203 10.28 -32.23 25.68
C GLY B 203 9.93 -32.00 27.16
N ARG B 204 8.99 -31.08 27.47
CA ARG B 204 8.59 -30.80 28.85
C ARG B 204 8.15 -32.06 29.57
N THR B 205 7.48 -32.96 28.86
CA THR B 205 7.00 -34.20 29.43
C THR B 205 8.15 -35.07 29.90
N ILE B 206 9.20 -35.11 29.10
CA ILE B 206 10.39 -35.89 29.39
C ILE B 206 11.20 -35.28 30.51
N GLY B 207 10.90 -34.03 30.84
CA GLY B 207 11.68 -33.33 31.84
C GLY B 207 12.82 -32.54 31.24
N TYR B 208 12.78 -32.35 29.92
CA TYR B 208 13.80 -31.57 29.25
C TYR B 208 13.08 -30.55 28.43
N PRO B 209 12.53 -29.59 29.16
CA PRO B 209 11.62 -28.59 28.60
C PRO B 209 12.21 -27.80 27.46
N THR B 210 11.40 -27.62 26.44
CA THR B 210 11.83 -27.01 25.21
C THR B 210 10.88 -25.89 24.83
N ALA B 211 11.35 -24.92 24.06
CA ALA B 211 10.43 -23.95 23.51
C ALA B 211 10.25 -24.17 22.00
N ASN B 212 8.98 -24.31 21.59
CA ASN B 212 8.62 -24.37 20.17
C ASN B 212 8.53 -22.99 19.57
N LEU B 213 9.30 -22.77 18.51
CA LEU B 213 9.38 -21.46 17.86
C LEU B 213 8.75 -21.46 16.48
N VAL B 214 7.93 -20.44 16.22
CA VAL B 214 7.52 -20.14 14.88
C VAL B 214 8.32 -18.95 14.42
N LEU B 215 9.07 -19.13 13.34
CA LEU B 215 9.83 -18.06 12.65
C LEU B 215 8.89 -16.91 12.25
N LEU B 216 9.23 -15.66 12.58
CA LEU B 216 8.28 -14.58 12.31
C LEU B 216 8.48 -13.88 10.96
N ASP B 217 9.52 -14.28 10.25
CA ASP B 217 9.97 -13.56 9.09
C ASP B 217 10.24 -14.48 7.93
N ARG B 218 10.27 -13.94 6.71
CA ARG B 218 10.69 -14.64 5.50
C ARG B 218 12.22 -14.60 5.35
N THR B 219 12.88 -15.39 6.18
CA THR B 219 14.35 -15.46 6.19
C THR B 219 14.82 -16.91 6.13
N TYR B 220 16.00 -17.12 5.55
CA TYR B 220 16.56 -18.48 5.47
C TYR B 220 16.72 -19.14 6.84
N PRO B 222 18.54 -22.56 8.54
CA PRO B 222 19.59 -23.58 8.38
C PRO B 222 19.06 -24.94 7.96
N ALA B 223 19.92 -25.71 7.31
CA ALA B 223 19.70 -27.13 7.07
C ALA B 223 19.16 -27.75 8.33
N ASP B 224 18.27 -28.73 8.18
CA ASP B 224 17.86 -29.55 9.32
C ASP B 224 19.07 -30.03 10.10
N GLY B 225 18.93 -30.04 11.42
CA GLY B 225 19.99 -30.49 12.30
C GLY B 225 19.84 -29.90 13.70
N VAL B 226 20.82 -30.21 14.54
CA VAL B 226 20.87 -29.69 15.90
C VAL B 226 22.04 -28.71 16.06
N TYR B 227 21.80 -27.58 16.69
CA TYR B 227 22.77 -26.49 16.62
C TYR B 227 23.07 -25.88 17.98
N VAL B 228 24.28 -25.38 18.17
CA VAL B 228 24.50 -24.50 19.31
C VAL B 228 24.21 -23.10 18.88
N VAL B 229 23.48 -22.43 19.74
CA VAL B 229 22.97 -21.13 19.47
C VAL B 229 23.02 -20.34 20.78
N ASP B 230 22.88 -19.03 20.68
CA ASP B 230 22.48 -18.25 21.83
C ASP B 230 21.13 -17.68 21.53
N VAL B 231 20.36 -17.56 22.59
CA VAL B 231 19.01 -17.07 22.53
C VAL B 231 18.90 -15.79 23.34
N GLU B 232 18.22 -14.81 22.80
CA GLU B 232 17.97 -13.61 23.56
C GLU B 232 16.49 -13.56 23.93
N ILE B 233 16.24 -13.48 25.22
CA ILE B 233 14.89 -13.34 25.75
C ILE B 233 14.90 -12.17 26.71
N GLN B 234 14.05 -11.19 26.45
CA GLN B 234 13.95 -10.03 27.33
C GLN B 234 15.31 -9.37 27.50
N ARG B 235 16.08 -9.34 26.41
CA ARG B 235 17.37 -8.69 26.38
C ARG B 235 18.48 -9.45 27.11
N GLN B 236 18.20 -10.69 27.51
CA GLN B 236 19.18 -11.52 28.19
C GLN B 236 19.58 -12.67 27.28
N LYS B 237 20.87 -12.93 27.13
CA LYS B 237 21.32 -14.01 26.27
C LYS B 237 21.55 -15.30 27.04
N TYR B 238 21.10 -16.42 26.47
CA TYR B 238 21.32 -17.73 27.08
C TYR B 238 21.87 -18.70 26.07
N ARG B 239 22.79 -19.55 26.51
CA ARG B 239 23.33 -20.63 25.66
C ARG B 239 22.18 -21.60 25.42
N ALA B 240 22.02 -22.08 24.20
CA ALA B 240 20.97 -23.07 23.96
C ALA B 240 21.30 -24.02 22.87
N ALA B 242 19.50 -25.86 19.56
CA ALA B 242 18.35 -25.66 18.68
C ALA B 242 18.23 -26.85 17.76
N SER B 243 16.98 -27.33 17.56
CA SER B 243 16.73 -28.39 16.57
C SER B 243 15.86 -27.88 15.48
N VAL B 244 16.27 -28.16 14.25
CA VAL B 244 15.59 -27.65 13.05
C VAL B 244 15.18 -28.83 12.19
N GLY B 245 13.90 -28.91 11.84
CA GLY B 245 13.36 -30.01 11.05
C GLY B 245 12.35 -29.51 10.03
N LYS B 246 12.35 -30.06 8.83
CA LYS B 246 11.39 -29.64 7.82
C LYS B 246 10.76 -30.88 7.24
N ASN B 247 9.53 -31.18 7.65
CA ASN B 247 8.85 -32.40 7.20
C ASN B 247 7.72 -32.14 6.20
N VAL B 248 7.86 -32.62 4.95
CA VAL B 248 6.76 -32.52 3.96
C VAL B 248 5.48 -33.20 4.39
N THR B 249 4.35 -32.55 4.09
CA THR B 249 3.03 -33.13 4.22
C THR B 249 2.22 -32.71 2.97
N PHE B 250 0.99 -33.20 2.79
CA PHE B 250 0.29 -32.85 1.55
C PHE B 250 0.18 -31.35 1.40
N ASP B 251 -0.33 -30.74 2.46
CA ASP B 251 -0.65 -29.33 2.50
C ASP B 251 0.60 -28.47 2.32
N GLY B 252 1.75 -29.05 2.63
CA GLY B 252 3.01 -28.37 2.40
C GLY B 252 4.12 -28.78 3.35
N GLU B 253 5.14 -27.95 3.43
CA GLU B 253 6.25 -28.27 4.32
C GLU B 253 5.92 -27.86 5.76
N GLU B 254 6.04 -28.78 6.71
CA GLU B 254 5.85 -28.38 8.09
C GLU B 254 7.22 -28.24 8.74
N ALA B 255 7.53 -27.03 9.20
CA ALA B 255 8.84 -26.71 9.74
C ALA B 255 8.86 -26.67 11.25
N ARG B 256 9.76 -27.44 11.84
CA ARG B 256 9.87 -27.50 13.28
C ARG B 256 11.14 -26.79 13.70
N PHE B 257 10.97 -25.85 14.62
CA PHE B 257 12.07 -25.06 15.15
C PHE B 257 12.00 -25.23 16.65
N GLU B 258 13.00 -25.85 17.22
CA GLU B 258 12.99 -26.15 18.64
C GLU B 258 14.22 -25.62 19.35
N VAL B 259 14.01 -25.04 20.52
CA VAL B 259 15.11 -24.51 21.26
C VAL B 259 15.16 -25.04 22.69
N ASN B 260 16.32 -25.54 23.10
CA ASN B 260 16.49 -26.01 24.47
C ASN B 260 17.36 -25.01 25.17
N ILE B 261 16.81 -24.36 26.19
CA ILE B 261 17.52 -23.25 26.82
C ILE B 261 18.16 -23.65 28.13
N PHE B 262 19.47 -23.57 28.22
CA PHE B 262 20.13 -24.01 29.45
C PHE B 262 19.98 -23.01 30.59
N ASP B 263 19.72 -23.52 31.80
CA ASP B 263 19.56 -22.69 32.99
C ASP B 263 18.42 -21.69 32.90
N PHE B 264 17.33 -22.07 32.24
CA PHE B 264 16.18 -21.19 32.13
C PHE B 264 14.91 -21.90 32.60
N ASN B 265 14.20 -21.29 33.54
CA ASN B 265 12.99 -21.91 34.06
C ASN B 265 11.67 -21.15 33.99
N GLN B 266 11.56 -20.17 33.11
CA GLN B 266 10.33 -19.39 33.06
C GLN B 266 9.47 -19.73 31.85
N ASP B 267 8.17 -19.44 31.96
CA ASP B 267 7.26 -19.66 30.86
C ASP B 267 7.32 -18.46 29.94
N ILE B 268 7.63 -18.71 28.68
CA ILE B 268 7.81 -17.66 27.70
C ILE B 268 6.89 -17.75 26.49
N TYR B 269 5.72 -18.36 26.65
CA TYR B 269 4.79 -18.48 25.55
C TYR B 269 4.38 -17.05 25.16
N GLY B 270 4.44 -16.75 23.86
CA GLY B 270 4.10 -15.42 23.39
C GLY B 270 5.32 -14.53 23.16
N GLU B 271 6.42 -14.83 23.83
CA GLU B 271 7.60 -14.00 23.75
C GLU B 271 8.31 -14.19 22.41
N THR B 272 8.88 -13.10 21.88
CA THR B 272 9.70 -13.19 20.70
C THR B 272 11.08 -13.55 21.23
N VAL B 273 11.84 -14.39 20.54
CA VAL B 273 13.19 -14.62 20.97
C VAL B 273 14.07 -14.53 19.74
N VAL B 275 17.51 -15.94 17.85
CA VAL B 275 18.35 -17.08 17.87
C VAL B 275 19.56 -16.71 17.05
N TYR B 276 20.72 -16.91 17.63
CA TYR B 276 21.97 -16.63 16.98
C TYR B 276 22.61 -17.97 16.77
N TRP B 277 22.93 -18.30 15.53
CA TRP B 277 23.47 -19.59 15.23
C TRP B 277 24.97 -19.57 15.33
N LEU B 278 25.52 -20.39 16.21
CA LEU B 278 26.96 -20.43 16.39
C LEU B 278 27.64 -21.56 15.67
N ASP B 279 27.14 -22.78 15.84
CA ASP B 279 27.73 -23.95 15.21
C ASP B 279 26.74 -25.08 15.12
N ARG B 280 27.03 -26.06 14.28
CA ARG B 280 26.15 -27.20 14.12
C ARG B 280 26.69 -28.43 14.82
N ILE B 281 25.95 -28.90 15.81
CA ILE B 281 26.29 -30.12 16.54
C ILE B 281 26.18 -31.44 15.79
N ARG B 282 25.09 -31.64 15.06
CA ARG B 282 24.80 -32.93 14.48
C ARG B 282 23.60 -33.00 13.55
N ASP B 283 23.46 -34.14 12.88
CA ASP B 283 22.31 -34.45 12.06
C ASP B 283 21.08 -34.76 12.90
N THR B 285 17.80 -36.91 13.96
CA THR B 285 17.57 -38.35 13.86
C THR B 285 16.20 -38.84 14.40
N LYS B 286 16.03 -40.14 14.56
CA LYS B 286 14.82 -40.64 15.18
C LYS B 286 15.18 -41.57 16.30
N PHE B 287 14.61 -41.29 17.47
CA PHE B 287 14.89 -42.10 18.68
C PHE B 287 13.76 -43.04 18.98
N ASP B 288 14.12 -44.31 19.14
CA ASP B 288 13.15 -45.35 19.46
C ASP B 288 12.91 -45.44 20.96
N SER B 289 13.75 -44.79 21.77
CA SER B 289 13.70 -45.00 23.22
C SER B 289 14.06 -43.78 24.02
N VAL B 290 13.46 -43.63 25.18
CA VAL B 290 13.80 -42.53 26.05
C VAL B 290 15.28 -42.58 26.50
N ASP B 291 15.79 -43.78 26.73
CA ASP B 291 17.20 -43.94 26.98
C ASP B 291 18.04 -43.39 25.83
N GLN B 292 17.87 -43.89 24.60
CA GLN B 292 18.62 -43.38 23.46
C GLN B 292 18.56 -41.85 23.37
N LEU B 293 17.34 -41.32 23.41
CA LEU B 293 17.11 -39.88 23.28
C LEU B 293 17.82 -39.10 24.38
N VAL B 294 17.71 -39.58 25.61
CA VAL B 294 18.37 -38.87 26.70
C VAL B 294 19.90 -38.92 26.63
N ASP B 295 20.50 -40.08 26.30
CA ASP B 295 21.97 -40.11 26.20
C ASP B 295 22.47 -39.09 25.20
N GLN B 296 21.74 -39.00 24.08
CA GLN B 296 22.07 -38.08 23.02
C GLN B 296 21.86 -36.60 23.46
N LEU B 297 20.85 -36.32 24.27
CA LEU B 297 20.66 -34.98 24.75
C LEU B 297 21.72 -34.57 25.75
N LYS B 298 22.24 -35.49 26.56
CA LYS B 298 23.33 -35.15 27.48
C LYS B 298 24.60 -34.84 26.70
N ALA B 299 24.91 -35.67 25.71
CA ALA B 299 26.09 -35.48 24.86
C ALA B 299 26.03 -34.19 24.08
N ASP B 300 24.85 -33.80 23.62
CA ASP B 300 24.65 -32.54 22.94
C ASP B 300 24.73 -31.37 23.91
N GLU B 301 24.22 -31.57 25.12
CA GLU B 301 24.27 -30.51 26.11
C GLU B 301 25.71 -30.22 26.52
N GLU B 302 26.54 -31.25 26.65
CA GLU B 302 27.95 -31.03 26.95
C GLU B 302 28.69 -30.27 25.82
N VAL B 303 28.54 -30.73 24.60
CA VAL B 303 29.02 -29.98 23.45
C VAL B 303 28.56 -28.52 23.50
N THR B 304 27.29 -28.27 23.79
CA THR B 304 26.76 -26.90 23.74
C THR B 304 27.29 -26.03 24.86
N ARG B 305 27.29 -26.57 26.07
CA ARG B 305 27.84 -25.84 27.21
C ARG B 305 29.32 -25.51 27.03
N ASN B 306 30.05 -26.40 26.38
CA ASN B 306 31.49 -26.22 26.24
C ASN B 306 31.92 -25.51 24.99
N TRP B 307 30.98 -25.13 24.15
CA TRP B 307 31.36 -24.54 22.88
C TRP B 307 31.84 -23.12 23.03
N SER B 308 32.90 -22.80 22.30
CA SER B 308 33.20 -21.42 21.99
C SER B 308 33.79 -21.39 20.59
N ILE C 5 -0.63 11.98 -22.41
CA ILE C 5 -1.52 12.54 -23.41
C ILE C 5 -1.04 13.92 -23.83
N ILE C 6 -1.13 14.20 -25.13
CA ILE C 6 -0.69 15.48 -25.63
C ILE C 6 -1.83 16.40 -25.98
N THR C 7 -2.00 17.45 -25.20
CA THR C 7 -2.94 18.51 -25.52
C THR C 7 -2.18 19.38 -26.51
N ILE C 8 -2.73 19.56 -27.71
CA ILE C 8 -2.05 20.24 -28.81
C ILE C 8 -3.01 21.20 -29.46
N PRO C 9 -2.89 22.50 -29.15
CA PRO C 9 -3.78 23.52 -29.72
C PRO C 9 -3.59 23.55 -31.22
N ILE C 10 -4.64 23.83 -31.98
CA ILE C 10 -4.49 23.92 -33.41
C ILE C 10 -5.34 25.03 -33.99
N LYS C 11 -4.93 25.51 -35.17
CA LYS C 11 -5.70 26.52 -35.84
C LYS C 11 -6.56 25.85 -36.92
N ASN C 12 -6.03 24.76 -37.47
CA ASN C 12 -6.70 23.96 -38.47
C ASN C 12 -6.08 22.56 -38.58
N GLN C 13 -6.53 21.80 -39.58
CA GLN C 13 -6.13 20.41 -39.76
C GLN C 13 -4.66 20.13 -40.15
N LYS C 14 -3.97 21.11 -40.75
CA LYS C 14 -2.59 20.86 -41.14
C LYS C 14 -1.72 20.85 -39.90
N ASP C 15 -2.31 21.27 -38.78
CA ASP C 15 -1.64 21.29 -37.49
C ASP C 15 -1.68 19.92 -36.80
N ILE C 16 -2.41 18.95 -37.36
CA ILE C 16 -2.55 17.60 -36.80
C ILE C 16 -1.33 16.74 -37.14
N GLY C 17 -0.73 16.12 -36.15
CA GLY C 17 0.45 15.31 -36.36
C GLY C 17 0.42 13.80 -36.28
N THR C 18 -0.74 13.17 -36.34
CA THR C 18 -0.79 11.73 -36.10
C THR C 18 0.05 10.93 -37.09
N PRO C 19 0.94 10.12 -36.54
CA PRO C 19 1.89 9.28 -37.29
C PRO C 19 1.32 8.11 -38.07
N SER C 20 0.36 7.44 -37.46
CA SER C 20 -0.16 6.18 -37.96
C SER C 20 -1.64 6.08 -37.73
N ASP C 21 -2.22 4.95 -38.13
CA ASP C 21 -3.65 4.75 -37.98
C ASP C 21 -4.00 4.85 -36.50
N SER C 22 -5.13 5.48 -36.23
CA SER C 22 -5.56 5.74 -34.88
C SER C 22 -7.05 5.52 -34.75
N VAL C 23 -7.54 5.33 -33.52
CA VAL C 23 -8.99 5.29 -33.35
C VAL C 23 -9.45 6.63 -32.84
N VAL C 24 -10.32 7.27 -33.60
CA VAL C 24 -10.79 8.60 -33.29
C VAL C 24 -12.15 8.56 -32.62
N VAL C 25 -12.26 9.10 -31.41
CA VAL C 25 -13.58 9.13 -30.80
C VAL C 25 -14.21 10.47 -31.07
N LEU C 26 -15.41 10.49 -31.65
CA LEU C 26 -16.06 11.77 -31.94
C LEU C 26 -17.03 12.27 -30.85
N GLY C 27 -17.04 13.57 -30.60
CA GLY C 27 -17.95 14.17 -29.63
C GLY C 27 -17.51 15.56 -29.16
N TYR C 28 -18.27 16.06 -28.19
CA TYR C 28 -18.04 17.35 -27.55
C TYR C 28 -17.84 17.03 -26.07
N PHE C 29 -16.63 16.71 -25.67
CA PHE C 29 -16.45 16.20 -24.33
C PHE C 29 -16.28 17.29 -23.29
N ASP C 30 -17.39 17.66 -22.68
CA ASP C 30 -17.34 18.61 -21.59
C ASP C 30 -17.72 17.84 -20.33
N GLY C 31 -16.79 17.79 -19.40
CA GLY C 31 -16.98 17.13 -18.13
C GLY C 31 -16.64 15.67 -18.17
N ILE C 32 -16.46 15.11 -19.36
CA ILE C 32 -16.12 13.70 -19.48
C ILE C 32 -17.03 12.80 -18.67
N HIS C 33 -18.33 12.93 -18.89
CA HIS C 33 -19.34 12.20 -18.14
C HIS C 33 -19.46 10.71 -18.44
N LYS C 34 -20.19 9.99 -17.60
CA LYS C 34 -20.28 8.54 -17.65
C LYS C 34 -20.49 8.04 -19.08
N GLY C 35 -21.24 8.79 -19.90
CA GLY C 35 -21.41 8.47 -21.32
C GLY C 35 -20.14 8.57 -22.19
N HIS C 36 -19.33 9.62 -21.99
CA HIS C 36 -18.06 9.70 -22.70
C HIS C 36 -17.17 8.58 -22.23
N GLN C 37 -17.18 8.28 -20.93
CA GLN C 37 -16.37 7.17 -20.46
C GLN C 37 -16.71 5.88 -21.20
N GLU C 38 -18.00 5.59 -21.35
CA GLU C 38 -18.45 4.46 -22.19
C GLU C 38 -17.92 4.54 -23.60
N LEU C 39 -17.96 5.69 -24.24
CA LEU C 39 -17.43 5.75 -25.58
C LEU C 39 -15.95 5.35 -25.61
N PHE C 40 -15.18 5.86 -24.67
CA PHE C 40 -13.76 5.57 -24.56
C PHE C 40 -13.39 4.14 -24.20
N ARG C 41 -14.14 3.52 -23.30
CA ARG C 41 -13.83 2.15 -22.95
C ARG C 41 -14.05 1.26 -24.17
N VAL C 42 -15.06 1.58 -24.95
CA VAL C 42 -15.29 0.90 -26.20
C VAL C 42 -14.15 1.14 -27.17
N ALA C 43 -13.66 2.36 -27.22
CA ALA C 43 -12.53 2.71 -28.08
C ALA C 43 -11.25 1.99 -27.70
N ASN C 44 -10.96 1.93 -26.40
CA ASN C 44 -9.84 1.12 -25.88
C ASN C 44 -9.86 -0.36 -26.27
N LYS C 45 -11.05 -0.93 -26.24
CA LYS C 45 -11.28 -2.29 -26.73
C LYS C 45 -11.01 -2.41 -28.23
N ALA C 46 -11.62 -1.53 -29.04
CA ALA C 46 -11.32 -1.47 -30.49
C ALA C 46 -9.83 -1.36 -30.82
N ALA C 47 -9.12 -0.50 -30.09
CA ALA C 47 -7.70 -0.22 -30.34
C ALA C 47 -6.83 -1.46 -30.18
N ARG C 48 -7.04 -2.21 -29.10
CA ARG C 48 -6.06 -3.19 -28.67
C ARG C 48 -5.75 -4.26 -29.72
N LYS C 49 -6.64 -4.44 -30.70
CA LYS C 49 -6.37 -5.34 -31.83
C LYS C 49 -5.08 -4.96 -32.54
N ASP C 50 -5.01 -3.72 -33.02
CA ASP C 50 -3.80 -3.23 -33.69
C ASP C 50 -2.98 -2.18 -32.91
N LEU C 51 -3.05 -2.23 -31.58
CA LEU C 51 -2.39 -1.26 -30.71
C LEU C 51 -2.50 0.20 -31.19
N LEU C 52 -3.62 0.50 -31.84
CA LEU C 52 -3.90 1.85 -32.30
C LEU C 52 -3.99 2.80 -31.13
N PRO C 53 -3.52 4.04 -31.34
CA PRO C 53 -3.56 5.07 -30.30
C PRO C 53 -4.92 5.75 -30.35
N ILE C 54 -5.43 6.20 -29.22
CA ILE C 54 -6.71 6.90 -29.19
C ILE C 54 -6.51 8.40 -29.33
N VAL C 55 -7.12 8.95 -30.38
CA VAL C 55 -6.99 10.36 -30.74
C VAL C 55 -8.31 11.12 -30.61
N VAL C 56 -8.31 12.32 -30.04
CA VAL C 56 -9.57 13.05 -29.93
C VAL C 56 -9.42 14.51 -30.30
N THR C 58 -11.31 18.14 -29.66
CA THR C 58 -12.40 18.93 -29.13
C THR C 58 -12.12 20.44 -29.12
N PHE C 59 -13.03 21.20 -28.55
CA PHE C 59 -13.03 22.64 -28.69
C PHE C 59 -12.66 23.44 -27.45
N ASN C 60 -11.93 24.52 -27.66
CA ASN C 60 -11.50 25.39 -26.59
C ASN C 60 -12.67 26.02 -25.88
N GLU C 61 -13.66 26.42 -26.66
CA GLU C 61 -14.81 27.13 -26.15
C GLU C 61 -16.08 26.58 -26.79
N SER C 62 -17.23 26.89 -26.22
CA SER C 62 -18.49 26.35 -26.70
C SER C 62 -18.84 26.69 -28.15
N PRO C 63 -19.37 25.70 -28.84
CA PRO C 63 -19.77 25.82 -30.24
C PRO C 63 -20.91 26.82 -30.40
N LYS C 64 -21.65 27.02 -29.33
CA LYS C 64 -22.78 27.95 -29.33
C LYS C 64 -22.36 29.37 -29.64
N ILE C 65 -21.19 29.77 -29.18
CA ILE C 65 -20.73 31.14 -29.34
C ILE C 65 -20.70 31.48 -30.81
N ALA C 66 -20.29 30.53 -31.64
CA ALA C 66 -20.27 30.72 -33.08
C ALA C 66 -21.67 30.94 -33.67
N LEU C 67 -22.67 30.23 -33.16
CA LEU C 67 -24.03 30.35 -33.68
C LEU C 67 -24.99 31.18 -32.84
N GLU C 68 -25.00 30.94 -31.53
CA GLU C 68 -25.88 31.65 -30.63
C GLU C 68 -25.45 33.09 -30.38
N PRO C 69 -26.38 33.93 -29.99
CA PRO C 69 -26.09 35.31 -29.65
C PRO C 69 -25.29 35.31 -28.36
N TYR C 70 -24.42 36.29 -28.16
CA TYR C 70 -23.55 36.27 -26.99
C TYR C 70 -24.27 36.29 -25.63
N HIS C 71 -23.75 35.52 -24.69
CA HIS C 71 -24.14 35.59 -23.29
C HIS C 71 -22.97 35.05 -22.48
N PRO C 72 -22.61 35.74 -21.39
CA PRO C 72 -21.41 35.37 -20.62
C PRO C 72 -21.37 33.89 -20.24
N ASP C 73 -22.54 33.29 -20.08
CA ASP C 73 -22.60 31.87 -19.69
C ASP C 73 -22.03 30.94 -20.75
N LEU C 74 -22.01 31.41 -21.99
CA LEU C 74 -21.43 30.65 -23.08
C LEU C 74 -19.94 30.39 -22.85
N PHE C 75 -19.39 30.97 -21.77
CA PHE C 75 -17.95 30.92 -21.51
C PHE C 75 -17.60 30.08 -20.28
N LEU C 76 -18.62 29.44 -19.72
CA LEU C 76 -18.42 28.55 -18.60
C LEU C 76 -18.24 27.10 -19.02
N HIS C 77 -17.42 26.42 -18.24
CA HIS C 77 -17.08 25.04 -18.50
C HIS C 77 -17.49 24.28 -17.28
N ILE C 78 -17.76 22.99 -17.42
CA ILE C 78 -17.86 22.14 -16.26
C ILE C 78 -16.49 21.99 -15.59
N LEU C 79 -15.44 21.82 -16.39
CA LEU C 79 -14.13 21.47 -15.87
C LEU C 79 -13.13 22.39 -16.44
N ASN C 80 -12.07 22.67 -15.69
CA ASN C 80 -10.95 23.44 -16.23
C ASN C 80 -10.06 22.54 -17.12
N PRO C 81 -9.26 23.15 -18.02
CA PRO C 81 -8.52 22.41 -19.07
C PRO C 81 -7.61 21.29 -18.56
N ALA C 82 -6.86 21.61 -17.51
CA ALA C 82 -6.05 20.60 -16.85
C ALA C 82 -6.90 19.40 -16.35
N GLU C 83 -8.00 19.70 -15.67
CA GLU C 83 -8.98 18.70 -15.23
C GLU C 83 -9.61 17.88 -16.36
N ARG C 84 -9.91 18.53 -17.48
CA ARG C 84 -10.44 17.81 -18.64
C ARG C 84 -9.36 16.89 -19.19
N GLU C 85 -8.19 17.42 -19.41
CA GLU C 85 -7.12 16.61 -19.91
C GLU C 85 -6.85 15.43 -19.00
N ARG C 86 -6.88 15.69 -17.68
CA ARG C 86 -6.65 14.63 -16.68
C ARG C 86 -7.74 13.55 -16.86
N LYS C 87 -8.99 13.93 -17.02
CA LYS C 87 -10.02 12.92 -17.22
C LYS C 87 -9.83 12.13 -18.51
N LEU C 88 -9.46 12.84 -19.57
CA LEU C 88 -9.21 12.22 -20.87
C LEU C 88 -8.01 11.29 -20.87
N LYS C 89 -6.97 11.66 -20.14
CA LYS C 89 -5.80 10.81 -20.03
C LYS C 89 -6.16 9.49 -19.37
N ARG C 90 -7.01 9.57 -18.34
CA ARG C 90 -7.47 8.41 -17.62
C ARG C 90 -8.25 7.49 -18.55
N GLU C 91 -9.03 8.07 -19.44
CA GLU C 91 -9.80 7.34 -20.43
C GLU C 91 -8.89 6.73 -21.49
N GLY C 92 -7.63 7.13 -21.49
CA GLY C 92 -6.68 6.59 -22.45
C GLY C 92 -6.40 7.36 -23.72
N VAL C 93 -6.90 8.58 -23.82
CA VAL C 93 -6.65 9.41 -24.98
C VAL C 93 -5.15 9.70 -25.06
N GLU C 94 -4.57 9.52 -26.25
CA GLU C 94 -3.15 9.75 -26.45
C GLU C 94 -2.80 11.12 -27.03
N GLU C 95 -3.68 11.66 -27.86
CA GLU C 95 -3.51 12.99 -28.46
C GLU C 95 -4.80 13.79 -28.39
N LEU C 96 -4.73 15.00 -27.84
CA LEU C 96 -5.91 15.84 -27.69
C LEU C 96 -5.77 17.12 -28.49
N TYR C 97 -6.44 17.22 -29.62
CA TYR C 97 -6.42 18.47 -30.39
C TYR C 97 -7.50 19.48 -29.93
N LEU C 98 -7.07 20.68 -29.54
CA LEU C 98 -8.01 21.76 -29.20
C LEU C 98 -8.14 22.72 -30.35
N LEU C 99 -9.36 22.95 -30.78
CA LEU C 99 -9.60 23.81 -31.92
C LEU C 99 -10.65 24.86 -31.53
N ASP C 100 -10.63 26.02 -32.18
CA ASP C 100 -11.69 27.02 -32.03
C ASP C 100 -12.90 26.59 -32.85
N PHE C 101 -14.07 26.57 -32.23
CA PHE C 101 -15.26 26.24 -33.01
C PHE C 101 -15.79 27.51 -33.66
N SER C 102 -15.21 27.83 -34.84
CA SER C 102 -15.47 29.09 -35.53
C SER C 102 -16.51 28.97 -36.65
N SER C 103 -16.85 30.11 -37.23
CA SER C 103 -17.76 30.15 -38.37
C SER C 103 -17.21 29.25 -39.47
N GLN C 104 -15.93 29.40 -39.80
CA GLN C 104 -15.33 28.59 -40.87
C GLN C 104 -15.48 27.08 -40.59
N PHE C 105 -15.17 26.65 -39.36
CA PHE C 105 -15.36 25.27 -39.00
C PHE C 105 -16.84 24.80 -39.07
N ALA C 106 -17.71 25.53 -38.38
CA ALA C 106 -19.14 25.27 -38.44
C ALA C 106 -19.75 25.03 -39.86
N SER C 107 -19.18 25.66 -40.89
CA SER C 107 -19.73 25.62 -42.24
C SER C 107 -19.31 24.37 -42.95
N LEU C 108 -18.25 23.71 -42.45
CA LEU C 108 -17.86 22.42 -43.03
C LEU C 108 -19.07 21.47 -43.23
N THR C 109 -19.10 20.79 -44.38
CA THR C 109 -20.13 19.78 -44.62
C THR C 109 -19.63 18.49 -44.03
N ALA C 110 -20.53 17.53 -43.83
CA ALA C 110 -20.09 16.27 -43.27
C ALA C 110 -18.87 15.74 -44.04
N GLN C 111 -18.96 15.74 -45.37
CA GLN C 111 -17.90 15.15 -46.19
C GLN C 111 -16.64 16.02 -46.20
N GLU C 112 -16.84 17.33 -46.25
CA GLU C 112 -15.71 18.20 -46.09
C GLU C 112 -14.90 17.88 -44.82
N PHE C 113 -15.63 17.68 -43.73
CA PHE C 113 -15.03 17.37 -42.42
C PHE C 113 -14.20 16.08 -42.42
N PHE C 114 -14.70 15.09 -43.16
CA PHE C 114 -14.01 13.83 -43.29
C PHE C 114 -12.76 13.95 -44.13
N ALA C 115 -12.83 14.83 -45.11
CA ALA C 115 -11.72 15.04 -46.04
C ALA C 115 -10.60 15.83 -45.38
N THR C 116 -10.87 16.44 -44.23
CA THR C 116 -9.86 17.28 -43.59
C THR C 116 -9.39 16.72 -42.26
N TYR C 117 -10.23 16.93 -41.25
CA TYR C 117 -9.93 16.49 -39.91
C TYR C 117 -9.81 14.98 -39.75
N ILE C 118 -10.80 14.24 -40.26
CA ILE C 118 -10.73 12.78 -40.14
C ILE C 118 -9.49 12.22 -40.86
N LYS C 119 -9.31 12.60 -42.13
CA LYS C 119 -8.10 12.26 -42.87
C LYS C 119 -6.86 12.57 -42.03
N ALA C 120 -6.77 13.82 -41.60
CA ALA C 120 -5.58 14.27 -40.90
C ALA C 120 -5.36 13.47 -39.64
N ASN C 122 -6.23 10.42 -39.26
CA ASN C 122 -5.74 9.11 -39.66
C ASN C 122 -6.50 7.96 -39.05
N ALA C 123 -7.73 8.20 -38.67
CA ALA C 123 -8.52 7.19 -37.99
C ALA C 123 -8.75 5.94 -38.83
N LYS C 124 -8.52 4.77 -38.23
CA LYS C 124 -8.84 3.52 -38.87
C LYS C 124 -10.21 3.09 -38.36
N ILE C 125 -10.38 3.10 -37.05
CA ILE C 125 -11.72 2.92 -36.47
C ILE C 125 -12.25 4.24 -35.92
N ILE C 126 -13.54 4.48 -36.06
CA ILE C 126 -14.18 5.64 -35.45
C ILE C 126 -15.22 5.20 -34.44
N VAL C 127 -15.40 5.99 -33.39
CA VAL C 127 -16.34 5.65 -32.33
C VAL C 127 -17.24 6.84 -32.00
N ALA C 128 -18.55 6.65 -31.98
CA ALA C 128 -19.42 7.81 -31.72
C ALA C 128 -20.65 7.45 -30.92
N GLY C 129 -21.22 8.47 -30.26
CA GLY C 129 -22.45 8.31 -29.53
C GLY C 129 -23.64 8.14 -30.46
N PHE C 130 -24.64 7.44 -29.95
CA PHE C 130 -25.84 7.18 -30.71
C PHE C 130 -26.42 8.44 -31.39
N ASP C 131 -26.28 9.58 -30.73
CA ASP C 131 -27.00 10.79 -31.11
C ASP C 131 -26.01 11.84 -31.65
N TYR C 132 -24.78 11.39 -31.89
CA TYR C 132 -23.75 12.27 -32.44
C TYR C 132 -24.23 13.01 -33.71
N THR C 133 -23.92 14.30 -33.81
CA THR C 133 -24.38 15.08 -34.96
C THR C 133 -23.25 15.92 -35.49
N PHE C 134 -22.92 15.76 -36.76
CA PHE C 134 -21.80 16.51 -37.32
C PHE C 134 -22.05 17.10 -38.70
N GLY C 135 -21.37 18.20 -38.97
CA GLY C 135 -21.42 18.84 -40.27
C GLY C 135 -22.44 19.94 -40.43
N SER C 136 -22.21 20.76 -41.45
CA SER C 136 -23.14 21.82 -41.83
C SER C 136 -24.39 21.08 -42.25
N ASP C 137 -24.14 19.89 -42.79
CA ASP C 137 -25.17 18.98 -43.27
C ASP C 137 -26.10 18.61 -42.13
N LYS C 138 -25.55 18.46 -40.93
CA LYS C 138 -26.35 18.03 -39.80
C LYS C 138 -26.52 16.50 -39.80
N LYS C 139 -25.58 15.84 -40.44
CA LYS C 139 -25.59 14.38 -40.54
C LYS C 139 -25.51 13.65 -39.20
N THR C 140 -26.22 12.54 -39.08
CA THR C 140 -26.25 11.74 -37.86
C THR C 140 -25.18 10.65 -37.82
N ALA C 141 -25.15 9.90 -36.72
CA ALA C 141 -24.14 8.86 -36.50
C ALA C 141 -24.19 7.77 -37.55
N GLU C 142 -25.40 7.40 -37.94
CA GLU C 142 -25.62 6.47 -39.05
C GLU C 142 -24.94 6.98 -40.32
N ASP C 143 -25.26 8.22 -40.70
CA ASP C 143 -24.62 8.86 -41.86
C ASP C 143 -23.10 8.64 -41.87
N LEU C 144 -22.48 8.37 -40.70
CA LEU C 144 -21.01 8.19 -40.63
C LEU C 144 -20.51 6.99 -41.43
N LYS C 145 -21.25 5.88 -41.34
CA LYS C 145 -20.91 4.63 -42.03
C LYS C 145 -20.71 4.95 -43.50
N ASN C 146 -21.60 5.79 -44.05
CA ASN C 146 -21.50 6.28 -45.43
C ASN C 146 -20.23 7.06 -45.80
N TYR C 147 -19.76 7.93 -44.91
CA TYR C 147 -18.63 8.79 -45.25
C TYR C 147 -17.29 8.16 -44.93
N PHE C 148 -17.32 6.99 -44.30
CA PHE C 148 -16.08 6.39 -43.85
C PHE C 148 -15.81 5.03 -44.47
N ASP C 149 -14.62 4.89 -45.04
CA ASP C 149 -14.18 3.64 -45.60
C ASP C 149 -13.99 2.58 -44.51
N GLY C 150 -13.50 3.02 -43.37
CA GLY C 150 -13.22 2.15 -42.24
C GLY C 150 -14.38 1.82 -41.33
N GLU C 151 -14.10 1.08 -40.26
CA GLU C 151 -15.10 0.69 -39.28
C GLU C 151 -15.64 1.84 -38.42
N VAL C 152 -16.94 1.88 -38.28
CA VAL C 152 -17.65 2.86 -37.47
C VAL C 152 -18.42 2.15 -36.35
N ILE C 153 -18.01 2.38 -35.10
CA ILE C 153 -18.71 1.81 -33.96
C ILE C 153 -19.64 2.82 -33.30
N ILE C 154 -20.95 2.62 -33.42
CA ILE C 154 -21.90 3.48 -32.71
C ILE C 154 -22.36 2.86 -31.39
N VAL C 155 -21.88 3.43 -30.28
CA VAL C 155 -22.20 2.99 -28.93
C VAL C 155 -23.64 3.24 -28.54
N PRO C 156 -24.33 2.18 -28.04
CA PRO C 156 -25.71 2.32 -27.58
C PRO C 156 -25.82 3.42 -26.52
N PRO C 157 -26.93 4.19 -26.51
CA PRO C 157 -26.99 5.37 -25.64
C PRO C 157 -26.89 5.02 -24.17
N VAL C 158 -26.20 5.90 -23.44
CA VAL C 158 -26.01 5.76 -21.99
C VAL C 158 -27.01 6.66 -21.28
N GLU C 159 -28.03 6.04 -20.68
CA GLU C 159 -29.11 6.79 -20.04
C GLU C 159 -29.36 6.35 -18.63
N ASP C 160 -30.26 7.08 -17.98
CA ASP C 160 -30.77 6.68 -16.68
C ASP C 160 -32.25 7.09 -16.63
N GLU C 161 -32.94 6.95 -15.52
CA GLU C 161 -34.38 7.22 -15.53
C GLU C 161 -34.77 8.67 -15.88
N LYS C 162 -33.77 9.53 -15.90
CA LYS C 162 -33.97 10.94 -16.15
C LYS C 162 -33.58 11.30 -17.60
N GLY C 163 -33.12 10.31 -18.34
CA GLY C 163 -32.83 10.47 -19.74
C GLY C 163 -31.39 10.12 -20.07
N LYS C 164 -30.93 10.59 -21.23
CA LYS C 164 -29.54 10.45 -21.62
C LYS C 164 -28.71 11.21 -20.57
N ILE C 165 -27.61 10.64 -20.15
CA ILE C 165 -26.72 11.34 -19.28
C ILE C 165 -25.96 12.42 -20.05
N SER C 166 -26.17 13.67 -19.69
CA SER C 166 -25.71 14.76 -20.53
C SER C 166 -24.97 15.90 -19.80
N SER C 167 -24.08 16.53 -20.54
CA SER C 167 -23.49 17.79 -20.11
C SER C 167 -24.52 18.83 -19.70
N THR C 168 -25.64 18.91 -20.42
CA THR C 168 -26.72 19.83 -20.07
C THR C 168 -27.30 19.50 -18.68
N ARG C 169 -27.53 18.22 -18.41
CA ARG C 169 -28.08 17.82 -17.13
C ARG C 169 -27.09 18.14 -16.01
N ILE C 170 -25.81 17.97 -16.32
CA ILE C 170 -24.78 18.25 -15.33
C ILE C 170 -24.70 19.73 -14.97
N ARG C 171 -24.90 20.60 -15.95
CA ARG C 171 -24.78 22.04 -15.75
C ARG C 171 -25.94 22.47 -14.91
N GLN C 172 -27.11 21.97 -15.26
CA GLN C 172 -28.29 22.33 -14.49
C GLN C 172 -28.16 21.84 -13.04
N ALA C 173 -27.67 20.61 -12.82
CA ALA C 173 -27.55 20.05 -11.50
C ALA C 173 -26.65 20.96 -10.65
N ILE C 174 -25.56 21.42 -11.26
CA ILE C 174 -24.61 22.25 -10.56
C ILE C 174 -25.29 23.53 -10.12
N LEU C 175 -26.02 24.18 -11.04
CA LEU C 175 -26.70 25.45 -10.73
C LEU C 175 -27.97 25.29 -9.86
N ASP C 176 -28.34 24.05 -9.56
CA ASP C 176 -29.48 23.83 -8.68
C ASP C 176 -28.89 23.40 -7.34
N GLY C 177 -27.60 23.15 -7.32
CA GLY C 177 -26.97 22.77 -6.08
C GLY C 177 -26.89 21.27 -5.96
N ASN C 178 -27.51 20.55 -6.89
CA ASN C 178 -27.53 19.10 -6.74
C ASN C 178 -26.22 18.50 -7.21
N VAL C 179 -25.35 18.44 -6.22
CA VAL C 179 -23.94 18.29 -6.42
C VAL C 179 -23.59 16.81 -6.32
N LYS C 180 -24.36 16.09 -5.51
CA LYS C 180 -24.27 14.64 -5.52
C LYS C 180 -24.66 14.18 -6.92
N GLU C 181 -25.66 14.81 -7.52
CA GLU C 181 -26.06 14.31 -8.83
C GLU C 181 -25.09 14.68 -9.96
N ALA C 182 -24.51 15.87 -9.87
CA ALA C 182 -23.57 16.28 -10.87
C ALA C 182 -22.39 15.30 -10.79
N GLY C 183 -21.97 15.01 -9.57
CA GLY C 183 -20.92 14.04 -9.35
C GLY C 183 -21.29 12.67 -9.87
N LYS C 184 -22.52 12.21 -9.58
CA LYS C 184 -23.00 10.91 -10.05
C LYS C 184 -22.83 10.74 -11.57
N LEU C 185 -23.30 11.73 -12.32
CA LEU C 185 -23.17 11.82 -13.78
C LEU C 185 -21.71 11.87 -14.32
N LEU C 186 -20.84 12.56 -13.59
CA LEU C 186 -19.46 12.73 -14.02
C LEU C 186 -18.66 11.48 -13.71
N GLY C 187 -19.17 10.68 -12.77
CA GLY C 187 -18.42 9.54 -12.28
C GLY C 187 -17.33 9.97 -11.31
N ALA C 188 -17.33 11.24 -10.96
CA ALA C 188 -16.42 11.78 -9.94
C ALA C 188 -16.98 13.11 -9.53
N PRO C 189 -16.69 13.52 -8.30
CA PRO C 189 -17.32 14.76 -7.83
C PRO C 189 -16.68 15.92 -8.56
N LEU C 190 -17.44 16.99 -8.68
CA LEU C 190 -17.02 18.14 -9.44
C LEU C 190 -15.77 18.72 -8.80
N PRO C 191 -14.70 18.92 -9.60
CA PRO C 191 -13.51 19.67 -9.14
C PRO C 191 -13.61 21.18 -9.47
N SER C 192 -13.44 22.01 -8.45
CA SER C 192 -13.36 23.44 -8.65
C SER C 192 -11.96 23.93 -8.23
N ARG C 193 -11.34 24.79 -9.05
CA ARG C 193 -9.99 25.20 -8.75
C ARG C 193 -9.87 26.61 -8.13
N GLY C 194 -9.57 26.63 -6.85
CA GLY C 194 -9.56 27.84 -6.06
C GLY C 194 -8.18 28.30 -5.59
N VAL C 196 -6.49 30.45 -2.25
CA VAL C 196 -6.73 31.06 -0.95
C VAL C 196 -6.40 32.55 -0.97
N VAL C 197 -7.25 33.34 -0.34
CA VAL C 197 -7.14 34.78 -0.38
C VAL C 197 -7.29 35.46 0.99
N HIS C 198 -6.83 36.70 1.10
CA HIS C 198 -7.01 37.45 2.33
C HIS C 198 -8.29 38.24 2.22
N GLY C 199 -9.26 37.93 3.08
CA GLY C 199 -10.53 38.62 3.06
C GLY C 199 -11.11 38.84 4.44
N PRO C 209 -12.89 30.07 11.54
CA PRO C 209 -11.70 29.37 11.05
C PRO C 209 -11.70 29.21 9.50
N THR C 210 -11.93 30.28 8.76
CA THR C 210 -12.33 30.11 7.37
C THR C 210 -11.40 30.72 6.30
N ALA C 211 -11.17 29.98 5.23
CA ALA C 211 -10.34 30.43 4.10
C ALA C 211 -11.22 31.02 3.02
N ASN C 212 -10.93 32.26 2.61
CA ASN C 212 -11.69 32.86 1.54
C ASN C 212 -11.08 32.47 0.22
N LEU C 213 -11.90 31.96 -0.69
CA LEU C 213 -11.39 31.44 -1.94
C LEU C 213 -11.83 32.24 -3.15
N VAL C 214 -10.91 32.31 -4.10
CA VAL C 214 -11.19 32.85 -5.42
C VAL C 214 -11.16 31.68 -6.38
N LEU C 215 -12.19 31.57 -7.22
CA LEU C 215 -12.24 30.55 -8.26
C LEU C 215 -11.38 30.99 -9.42
N LEU C 216 -10.40 30.16 -9.78
CA LEU C 216 -9.42 30.59 -10.76
C LEU C 216 -9.92 30.45 -12.18
N ASP C 217 -10.90 29.56 -12.40
CA ASP C 217 -11.33 29.26 -13.74
C ASP C 217 -12.75 29.75 -14.03
N ARG C 218 -13.10 29.79 -15.32
CA ARG C 218 -14.50 30.00 -15.80
C ARG C 218 -15.30 28.69 -15.74
N THR C 219 -15.53 28.26 -14.51
CA THR C 219 -16.19 27.02 -14.20
C THR C 219 -17.48 27.33 -13.48
N TYR C 220 -18.47 26.46 -13.64
CA TYR C 220 -19.76 26.64 -13.02
C TYR C 220 -19.62 26.59 -11.52
N PRO C 222 -21.59 26.14 -7.83
CA PRO C 222 -22.78 25.53 -7.25
C PRO C 222 -23.66 26.62 -6.70
N ALA C 223 -24.95 26.32 -6.55
CA ALA C 223 -25.92 27.30 -6.10
C ALA C 223 -25.63 27.75 -4.68
N ASP C 224 -26.06 28.96 -4.34
CA ASP C 224 -25.80 29.49 -3.03
C ASP C 224 -26.36 28.50 -2.04
N GLY C 225 -25.60 28.22 -1.01
CA GLY C 225 -25.98 27.20 -0.07
C GLY C 225 -24.76 26.76 0.69
N VAL C 226 -24.85 25.61 1.31
CA VAL C 226 -23.75 25.09 2.10
C VAL C 226 -23.47 23.64 1.77
N TYR C 227 -22.20 23.29 1.68
CA TYR C 227 -21.80 22.01 1.12
C TYR C 227 -20.78 21.30 1.97
N VAL C 228 -20.70 19.99 1.81
CA VAL C 228 -19.63 19.20 2.40
C VAL C 228 -18.66 18.87 1.27
N VAL C 229 -17.42 19.31 1.43
CA VAL C 229 -16.47 19.17 0.34
C VAL C 229 -15.16 18.50 0.78
N ASP C 230 -14.42 17.92 -0.15
CA ASP C 230 -13.07 17.52 0.16
C ASP C 230 -12.17 18.61 -0.41
N VAL C 231 -11.24 19.09 0.40
CA VAL C 231 -10.34 20.18 -0.05
C VAL C 231 -8.92 19.67 -0.26
N GLU C 232 -8.32 19.96 -1.41
CA GLU C 232 -7.01 19.38 -1.68
C GLU C 232 -5.94 20.43 -1.65
N ILE C 233 -4.91 20.21 -0.82
CA ILE C 233 -3.87 21.18 -0.61
C ILE C 233 -2.51 20.51 -0.57
N GLN C 234 -1.66 20.89 -1.52
CA GLN C 234 -0.37 20.23 -1.69
C GLN C 234 -0.54 18.70 -1.77
N ARG C 235 -1.49 18.25 -2.57
CA ARG C 235 -1.70 16.82 -2.80
C ARG C 235 -2.42 16.11 -1.64
N GLN C 236 -2.75 16.83 -0.58
CA GLN C 236 -3.44 16.23 0.55
C GLN C 236 -4.90 16.61 0.63
N LYS C 237 -5.74 15.63 0.96
CA LYS C 237 -7.18 15.84 1.02
C LYS C 237 -7.65 16.08 2.45
N TYR C 238 -8.65 16.95 2.59
CA TYR C 238 -9.18 17.29 3.91
C TYR C 238 -10.66 17.60 3.84
N ARG C 239 -11.45 16.89 4.63
CA ARG C 239 -12.87 17.20 4.67
C ARG C 239 -13.02 18.60 5.20
N ALA C 240 -14.08 19.25 4.78
CA ALA C 240 -14.23 20.65 5.07
C ALA C 240 -15.64 20.98 4.72
N ALA C 242 -18.06 23.94 2.87
CA ALA C 242 -17.98 25.04 1.92
C ALA C 242 -19.26 25.87 1.99
N SER C 243 -19.12 27.19 1.92
CA SER C 243 -20.27 28.06 1.86
C SER C 243 -20.22 29.02 0.68
N VAL C 244 -21.19 28.90 -0.21
CA VAL C 244 -21.27 29.66 -1.46
C VAL C 244 -22.34 30.73 -1.34
N GLY C 245 -22.01 31.97 -1.69
CA GLY C 245 -22.98 33.06 -1.59
C GLY C 245 -23.04 33.91 -2.84
N ALA C 255 -19.40 38.59 -4.20
CA ALA C 255 -19.04 37.20 -4.47
C ALA C 255 -18.56 36.54 -3.20
N ARG C 256 -19.13 35.39 -2.87
CA ARG C 256 -18.72 34.69 -1.65
C ARG C 256 -18.34 33.24 -1.92
N PHE C 257 -17.12 32.87 -1.58
CA PHE C 257 -16.70 31.48 -1.60
C PHE C 257 -15.85 31.28 -0.35
N GLU C 258 -16.19 30.30 0.48
CA GLU C 258 -15.45 30.09 1.73
C GLU C 258 -15.32 28.63 2.09
N VAL C 259 -14.33 28.30 2.91
CA VAL C 259 -14.15 26.94 3.35
C VAL C 259 -13.71 26.83 4.80
N ASN C 260 -14.18 25.80 5.49
CA ASN C 260 -13.79 25.53 6.86
C ASN C 260 -13.12 24.19 6.92
N ILE C 261 -11.79 24.17 6.91
CA ILE C 261 -11.11 22.88 6.88
C ILE C 261 -10.85 22.38 8.30
N PHE C 262 -11.27 21.15 8.54
CA PHE C 262 -11.14 20.50 9.83
C PHE C 262 -9.75 19.91 10.02
N ASP C 263 -9.20 20.09 11.21
CA ASP C 263 -7.89 19.54 11.49
C ASP C 263 -6.86 20.34 10.73
N PHE C 264 -7.28 21.52 10.26
CA PHE C 264 -6.37 22.41 9.57
C PHE C 264 -6.38 23.79 10.21
N ASN C 265 -5.20 24.23 10.63
CA ASN C 265 -5.00 25.56 11.15
C ASN C 265 -3.64 26.06 10.66
N GLN C 266 -3.53 26.30 9.36
CA GLN C 266 -2.27 26.67 8.73
C GLN C 266 -2.39 27.83 7.75
N ASP C 267 -1.29 28.52 7.50
CA ASP C 267 -1.30 29.65 6.60
C ASP C 267 -1.03 29.16 5.19
N ILE C 268 -2.04 29.28 4.34
CA ILE C 268 -1.97 28.82 2.97
C ILE C 268 -2.35 29.89 1.96
N TYR C 269 -2.23 31.16 2.35
CA TYR C 269 -2.61 32.24 1.47
C TYR C 269 -1.82 32.22 0.19
N GLY C 270 -2.52 32.48 -0.92
CA GLY C 270 -1.90 32.50 -2.22
C GLY C 270 -1.60 31.10 -2.70
N GLU C 271 -2.21 30.13 -2.04
CA GLU C 271 -1.98 28.74 -2.38
C GLU C 271 -3.11 28.20 -3.21
N THR C 272 -2.80 27.39 -4.22
CA THR C 272 -3.89 26.87 -5.03
C THR C 272 -4.52 25.64 -4.42
N VAL C 273 -5.84 25.69 -4.29
CA VAL C 273 -6.54 24.56 -3.70
C VAL C 273 -7.68 24.02 -4.57
N VAL C 275 -11.21 22.05 -4.84
CA VAL C 275 -12.40 21.75 -4.06
C VAL C 275 -13.21 20.66 -4.74
N TYR C 276 -13.43 19.57 -4.03
CA TYR C 276 -14.29 18.49 -4.53
C TYR C 276 -15.66 18.46 -3.83
N TRP C 277 -16.68 18.95 -4.53
CA TRP C 277 -18.05 18.95 -4.07
C TRP C 277 -18.64 17.55 -3.82
N LEU C 278 -19.16 17.32 -2.62
CA LEU C 278 -19.61 15.99 -2.23
C LEU C 278 -21.14 15.91 -2.04
N ASP C 279 -21.70 16.92 -1.40
CA ASP C 279 -23.13 17.03 -1.23
C ASP C 279 -23.49 18.45 -0.79
N ARG C 280 -24.78 18.70 -0.60
CA ARG C 280 -25.28 19.99 -0.17
C ARG C 280 -26.11 19.79 1.11
N ILE C 281 -26.48 20.89 1.78
CA ILE C 281 -27.62 20.96 2.73
C ILE C 281 -28.03 22.38 3.07
#